data_4JMQ
#
_entry.id   4JMQ
#
_cell.length_a   55.657
_cell.length_b   70.027
_cell.length_c   71.014
_cell.angle_alpha   91.05
_cell.angle_beta   107.66
_cell.angle_gamma   112.03
#
_symmetry.space_group_name_H-M   'P 1'
#
loop_
_entity.id
_entity.type
_entity.pdbx_description
1 polymer 'Bacteriophage T5 distal tail protein'
2 water water
#
_entity_poly.entity_id   1
_entity_poly.type   'polypeptide(L)'
_entity_poly.pdbx_seq_one_letter_code
;MRLPDPYTNPEYPGLGFESVNLVDNDPMIRDELPNGKVKEVKISAQYWGINISYPELFPDEYAFLDSRLLEYKRTGDYLD
VLLPQYEAFRVRGDTKSVTIPAGQKGSQIILNTNGTLTGQPKAGDLFKLSTHPKVYKITNFSSSGNVWNISLYPDLFITT
TGSEKPVFNGILFRTKLMNGDSFGSTLNNNGTYSGISLSLRESLENLYFQGHHHHHH
;
_entity_poly.pdbx_strand_id   A,B,C,D
#
# COMPACT_ATOMS: atom_id res chain seq x y z
N MET A 1 8.98 27.06 -0.12
CA MET A 1 8.65 25.84 -0.85
C MET A 1 7.49 25.13 -0.18
N ARG A 2 6.32 25.18 -0.81
CA ARG A 2 5.22 24.35 -0.40
C ARG A 2 5.48 22.98 -0.99
N LEU A 3 5.33 21.94 -0.18
CA LEU A 3 5.44 20.58 -0.72
C LEU A 3 4.20 20.31 -1.55
N PRO A 4 4.39 20.13 -2.86
CA PRO A 4 3.25 20.02 -3.79
C PRO A 4 2.38 18.82 -3.48
N ASP A 5 1.07 19.01 -3.56
CA ASP A 5 0.11 17.97 -3.21
C ASP A 5 -1.10 18.07 -4.15
N PRO A 6 -2.12 17.22 -3.97
CA PRO A 6 -3.23 17.37 -4.93
C PRO A 6 -4.08 18.63 -4.74
N TYR A 7 -3.82 19.42 -3.71
CA TYR A 7 -4.54 20.67 -3.55
C TYR A 7 -3.91 21.74 -4.44
N THR A 8 -2.60 21.89 -4.32
CA THR A 8 -1.85 22.82 -5.14
C THR A 8 -1.83 22.33 -6.60
N ASN A 9 -1.76 21.02 -6.76
CA ASN A 9 -1.61 20.42 -8.09
C ASN A 9 -2.55 19.25 -8.28
N PRO A 10 -3.83 19.53 -8.54
CA PRO A 10 -4.83 18.46 -8.66
C PRO A 10 -4.57 17.56 -9.85
N GLU A 11 -3.72 17.99 -10.77
CA GLU A 11 -3.40 17.16 -11.93
C GLU A 11 -2.52 15.94 -11.58
N TYR A 12 -2.04 15.89 -10.33
CA TYR A 12 -1.18 14.81 -9.82
C TYR A 12 -1.72 14.17 -8.54
N PRO A 13 -2.73 13.29 -8.65
CA PRO A 13 -3.41 12.72 -7.49
C PRO A 13 -2.51 11.74 -6.72
N GLY A 14 -1.45 11.25 -7.36
CA GLY A 14 -0.50 10.43 -6.66
C GLY A 14 0.22 11.17 -5.55
N LEU A 15 0.30 12.49 -5.65
CA LEU A 15 0.91 13.32 -4.61
C LEU A 15 0.05 13.38 -3.33
N GLY A 16 -1.10 12.73 -3.35
CA GLY A 16 -1.85 12.51 -2.14
C GLY A 16 -1.08 11.51 -1.32
N PHE A 17 -1.05 11.67 -0.01
CA PHE A 17 -0.31 10.73 0.84
C PHE A 17 -1.05 9.40 0.99
N GLU A 18 -0.30 8.30 0.90
CA GLU A 18 -0.85 7.00 1.26
C GLU A 18 -0.91 6.84 2.78
N SER A 19 0.13 7.30 3.46
CA SER A 19 0.23 7.18 4.90
C SER A 19 1.09 8.32 5.40
N VAL A 20 0.77 8.79 6.61
CA VAL A 20 1.54 9.82 7.29
C VAL A 20 1.58 9.50 8.77
N ASN A 21 2.74 9.73 9.37
CA ASN A 21 2.87 9.64 10.81
C ASN A 21 3.44 10.94 11.34
N LEU A 22 2.75 11.49 12.33
CA LEU A 22 3.22 12.69 13.01
C LEU A 22 3.96 12.20 14.27
N VAL A 23 5.20 12.64 14.46
CA VAL A 23 6.04 12.05 15.49
C VAL A 23 6.56 13.10 16.47
N ASP A 24 6.42 12.83 17.76
CA ASP A 24 6.86 13.76 18.81
C ASP A 24 8.33 13.58 19.16
N ASN A 25 9.13 14.62 18.98
CA ASN A 25 10.50 14.63 19.48
C ASN A 25 10.65 15.58 20.66
N ASP A 26 10.95 15.00 21.82
CA ASP A 26 11.16 15.76 23.03
C ASP A 26 12.59 15.54 23.50
N PRO A 27 13.53 16.31 22.93
CA PRO A 27 14.96 16.16 23.23
C PRO A 27 15.27 16.39 24.71
N ILE A 43 17.55 18.75 26.46
CA ILE A 43 18.69 19.36 25.79
C ILE A 43 18.24 20.45 24.82
N SER A 44 17.03 20.32 24.31
CA SER A 44 16.53 21.22 23.28
C SER A 44 15.00 21.29 23.25
N ALA A 45 14.46 22.07 22.31
CA ALA A 45 13.03 22.28 22.21
C ALA A 45 12.32 21.17 21.42
N GLN A 46 11.06 20.92 21.78
CA GLN A 46 10.23 19.93 21.13
C GLN A 46 10.11 20.27 19.65
N TYR A 47 10.00 19.23 18.81
CA TYR A 47 9.80 19.43 17.38
C TYR A 47 9.13 18.20 16.78
N TRP A 48 8.26 18.44 15.82
CA TRP A 48 7.49 17.38 15.18
C TRP A 48 8.33 16.77 14.05
N GLY A 49 8.24 15.45 13.91
CA GLY A 49 8.81 14.75 12.77
C GLY A 49 7.66 14.24 11.94
N ILE A 50 7.83 14.25 10.62
CA ILE A 50 6.74 13.84 9.75
C ILE A 50 7.26 12.83 8.75
N ASN A 51 6.61 11.66 8.70
CA ASN A 51 6.99 10.61 7.76
C ASN A 51 5.87 10.37 6.75
N ILE A 52 6.11 10.77 5.52
CA ILE A 52 5.14 10.66 4.45
C ILE A 52 5.48 9.50 3.51
N SER A 53 4.51 8.61 3.29
CA SER A 53 4.66 7.54 2.29
C SER A 53 3.71 7.78 1.12
N TYR A 54 4.24 7.67 -0.09
CA TYR A 54 3.43 7.87 -1.29
C TYR A 54 2.94 6.54 -1.88
N PRO A 55 1.84 6.58 -2.61
CA PRO A 55 1.51 5.39 -3.38
C PRO A 55 2.43 5.36 -4.60
N GLU A 56 2.22 4.43 -5.52
CA GLU A 56 3.01 4.40 -6.74
C GLU A 56 2.82 5.72 -7.45
N LEU A 57 3.93 6.34 -7.85
CA LEU A 57 3.88 7.59 -8.61
C LEU A 57 4.11 7.37 -10.08
N PHE A 58 3.32 8.05 -10.90
CA PHE A 58 3.45 7.99 -12.35
C PHE A 58 4.60 8.90 -12.77
N PRO A 59 5.20 8.64 -13.95
CA PRO A 59 6.37 9.41 -14.38
C PRO A 59 6.25 10.93 -14.25
N ASP A 60 5.12 11.51 -14.62
CA ASP A 60 5.03 12.98 -14.61
C ASP A 60 4.93 13.56 -13.20
N GLU A 61 4.19 12.90 -12.33
CA GLU A 61 4.10 13.40 -10.96
C GLU A 61 5.40 13.16 -10.19
N TYR A 62 6.08 12.06 -10.50
CA TYR A 62 7.38 11.77 -9.91
C TYR A 62 8.40 12.80 -10.39
N ALA A 63 8.36 13.11 -11.67
CA ALA A 63 9.26 14.10 -12.26
C ALA A 63 9.03 15.47 -11.65
N PHE A 64 7.76 15.78 -11.36
CA PHE A 64 7.41 17.06 -10.75
C PHE A 64 7.98 17.18 -9.35
N LEU A 65 7.71 16.19 -8.50
CA LEU A 65 8.14 16.18 -7.11
C LEU A 65 9.66 16.23 -7.07
N ASP A 66 10.29 15.44 -7.92
CA ASP A 66 11.74 15.38 -8.01
C ASP A 66 12.35 16.77 -8.20
N SER A 67 11.81 17.50 -9.17
CA SER A 67 12.32 18.81 -9.52
C SER A 67 12.04 19.83 -8.42
N ARG A 68 10.92 19.67 -7.71
CA ARG A 68 10.60 20.59 -6.63
C ARG A 68 11.59 20.38 -5.49
N LEU A 69 11.89 19.12 -5.17
CA LEU A 69 12.84 18.84 -4.10
C LEU A 69 14.23 19.33 -4.48
N LEU A 70 14.55 19.29 -5.78
CA LEU A 70 15.84 19.74 -6.29
C LEU A 70 15.94 21.25 -6.08
N GLU A 71 14.91 21.97 -6.52
CA GLU A 71 14.83 23.41 -6.29
C GLU A 71 14.93 23.70 -4.79
N TYR A 72 14.29 22.85 -3.97
CA TYR A 72 14.42 22.97 -2.52
C TYR A 72 15.87 22.82 -2.09
N LYS A 73 16.58 21.87 -2.70
CA LYS A 73 17.96 21.60 -2.34
C LYS A 73 18.86 22.79 -2.60
N ARG A 74 18.78 23.33 -3.81
CA ARG A 74 19.72 24.36 -4.22
C ARG A 74 19.45 25.76 -3.66
N THR A 75 18.24 25.99 -3.15
CA THR A 75 17.90 27.31 -2.60
C THR A 75 17.97 27.35 -1.08
N GLY A 76 18.12 26.19 -0.46
CA GLY A 76 18.27 26.10 0.99
C GLY A 76 17.04 26.53 1.77
N ASP A 77 15.89 26.44 1.13
CA ASP A 77 14.63 26.89 1.71
C ASP A 77 14.09 25.88 2.72
N TYR A 78 12.93 26.20 3.30
CA TYR A 78 12.18 25.23 4.08
C TYR A 78 11.13 24.62 3.20
N LEU A 79 10.60 23.46 3.59
CA LEU A 79 9.45 22.87 2.92
C LEU A 79 8.20 22.97 3.79
N ASP A 80 7.17 23.64 3.27
CA ASP A 80 5.91 23.74 3.99
C ASP A 80 4.98 22.59 3.62
N VAL A 81 4.46 21.89 4.63
CA VAL A 81 3.64 20.70 4.41
C VAL A 81 2.26 20.78 5.09
N LEU A 82 1.22 20.46 4.32
CA LEU A 82 -0.13 20.31 4.80
C LEU A 82 -0.39 18.81 5.04
N LEU A 83 -0.95 18.49 6.19
CA LEU A 83 -1.37 17.12 6.48
C LEU A 83 -2.89 17.02 6.46
N PRO A 84 -3.45 16.59 5.33
CA PRO A 84 -4.90 16.58 5.10
C PRO A 84 -5.67 15.81 6.18
N GLN A 85 -5.03 14.83 6.81
CA GLN A 85 -5.67 14.12 7.94
C GLN A 85 -6.12 15.07 9.04
N TYR A 86 -5.40 16.18 9.21
CA TYR A 86 -5.76 17.14 10.25
C TYR A 86 -6.66 18.28 9.78
N GLU A 87 -7.18 18.19 8.56
CA GLU A 87 -8.14 19.17 8.10
C GLU A 87 -9.48 18.83 8.71
N ALA A 88 -9.60 19.09 10.01
CA ALA A 88 -10.79 18.72 10.78
C ALA A 88 -11.98 19.58 10.41
N PHE A 89 -11.73 20.87 10.20
CA PHE A 89 -12.81 21.84 10.02
C PHE A 89 -13.89 21.73 11.12
N ARG A 90 -13.46 21.38 12.32
CA ARG A 90 -14.33 21.37 13.50
C ARG A 90 -14.58 22.77 14.01
N VAL A 91 -13.69 23.69 13.65
CA VAL A 91 -13.83 25.09 14.00
C VAL A 91 -13.88 25.92 12.73
N ARG A 92 -14.93 26.71 12.55
CA ARG A 92 -15.03 27.53 11.35
C ARG A 92 -15.44 28.95 11.68
N GLY A 93 -15.14 29.86 10.77
CA GLY A 93 -15.52 31.25 10.98
C GLY A 93 -14.39 32.22 10.72
N ASP A 94 -14.60 33.46 11.14
CA ASP A 94 -13.67 34.56 10.86
C ASP A 94 -12.57 34.63 11.91
N THR A 95 -11.48 33.90 11.67
CA THR A 95 -10.37 33.90 12.63
C THR A 95 -9.70 35.26 12.79
N LYS A 96 -9.82 36.11 11.77
CA LYS A 96 -9.17 37.41 11.80
C LYS A 96 -9.83 38.37 12.79
N SER A 97 -11.08 38.09 13.16
CA SER A 97 -11.74 38.93 14.16
C SER A 97 -11.63 38.34 15.55
N VAL A 98 -10.86 37.27 15.69
CA VAL A 98 -10.55 36.72 17.02
C VAL A 98 -9.47 37.58 17.69
N THR A 99 -9.57 37.72 19.01
CA THR A 99 -8.53 38.44 19.75
C THR A 99 -7.72 37.47 20.60
N ILE A 100 -6.41 37.54 20.48
CA ILE A 100 -5.54 36.81 21.40
C ILE A 100 -4.77 37.79 22.26
N PRO A 101 -5.12 37.87 23.55
CA PRO A 101 -4.48 38.89 24.40
C PRO A 101 -2.96 38.70 24.50
N ALA A 102 -2.23 39.82 24.61
CA ALA A 102 -0.78 39.82 24.71
C ALA A 102 -0.29 39.22 26.02
N GLY A 103 1.00 38.88 26.06
CA GLY A 103 1.69 38.52 27.28
C GLY A 103 1.55 37.07 27.73
N GLN A 104 0.89 36.27 26.91
CA GLN A 104 0.62 34.90 27.28
C GLN A 104 1.80 33.97 26.99
N LYS A 105 2.03 33.05 27.92
CA LYS A 105 3.02 32.01 27.73
C LYS A 105 2.60 30.75 28.48
N GLY A 106 3.38 29.69 28.34
CA GLY A 106 3.05 28.45 29.00
C GLY A 106 2.21 27.55 28.12
N SER A 107 1.38 26.73 28.75
CA SER A 107 0.70 25.64 28.06
C SER A 107 -0.78 25.93 27.78
N GLN A 108 -1.23 27.12 28.15
CA GLN A 108 -2.61 27.52 27.89
C GLN A 108 -2.64 28.73 27.00
N ILE A 109 -3.60 28.78 26.09
CA ILE A 109 -3.77 29.95 25.25
C ILE A 109 -5.24 30.36 25.30
N ILE A 110 -5.47 31.57 25.82
CA ILE A 110 -6.80 32.11 25.95
C ILE A 110 -7.08 33.00 24.74
N LEU A 111 -8.29 32.93 24.20
CA LEU A 111 -8.63 33.90 23.17
C LEU A 111 -10.08 34.31 23.28
N ASN A 112 -10.42 35.44 22.67
CA ASN A 112 -11.78 35.93 22.67
C ASN A 112 -12.34 35.82 21.26
N THR A 113 -13.34 34.96 21.08
CA THR A 113 -13.85 34.67 19.74
C THR A 113 -14.62 35.83 19.15
N ASN A 114 -15.09 36.72 20.02
CA ASN A 114 -15.92 37.84 19.60
C ASN A 114 -17.17 37.37 18.87
N GLY A 115 -17.55 36.13 19.16
CA GLY A 115 -18.70 35.49 18.54
C GLY A 115 -18.56 35.15 17.06
N THR A 116 -17.34 35.14 16.54
CA THR A 116 -17.19 34.93 15.08
C THR A 116 -16.84 33.49 14.71
N LEU A 117 -16.61 32.66 15.71
CA LEU A 117 -16.29 31.26 15.48
C LEU A 117 -17.49 30.35 15.73
N THR A 118 -17.52 29.24 15.01
CA THR A 118 -18.56 28.22 15.11
C THR A 118 -17.90 26.87 15.34
N GLY A 119 -18.49 26.06 16.21
CA GLY A 119 -17.93 24.76 16.55
C GLY A 119 -16.85 24.90 17.60
N GLN A 120 -16.21 23.79 17.95
CA GLN A 120 -15.13 23.79 18.93
C GLN A 120 -14.06 22.73 18.63
N PRO A 121 -12.82 22.99 19.05
CA PRO A 121 -11.78 22.00 18.72
C PRO A 121 -11.77 20.89 19.78
N LYS A 122 -11.18 19.75 19.45
CA LYS A 122 -11.01 18.73 20.46
C LYS A 122 -9.56 18.33 20.66
N ALA A 123 -9.29 17.65 21.77
CA ALA A 123 -7.97 17.12 22.06
C ALA A 123 -7.51 16.26 20.90
N GLY A 124 -6.30 16.52 20.43
CA GLY A 124 -5.77 15.78 19.31
C GLY A 124 -5.62 16.68 18.09
N ASP A 125 -6.46 17.72 18.01
CA ASP A 125 -6.41 18.63 16.86
C ASP A 125 -5.14 19.47 16.84
N LEU A 126 -4.76 19.96 15.66
CA LEU A 126 -3.60 20.82 15.56
C LEU A 126 -3.97 22.26 15.83
N PHE A 127 -2.98 23.05 16.23
CA PHE A 127 -3.18 24.48 16.41
C PHE A 127 -1.91 25.24 16.07
N LYS A 128 -2.07 26.42 15.49
CA LYS A 128 -0.93 27.25 15.15
C LYS A 128 -1.27 28.71 15.37
N LEU A 129 -0.28 29.52 15.77
CA LEU A 129 -0.44 30.97 15.77
C LEU A 129 -0.10 31.53 14.39
N SER A 130 -0.84 32.54 13.95
CA SER A 130 -0.70 33.06 12.58
C SER A 130 0.66 33.67 12.31
N THR A 131 1.30 34.20 13.35
CA THR A 131 2.53 34.98 13.19
C THR A 131 3.79 34.17 13.42
N HIS A 132 3.65 32.89 13.78
CA HIS A 132 4.80 32.07 14.12
C HIS A 132 4.66 30.66 13.52
N PRO A 133 5.78 30.06 13.08
CA PRO A 133 5.65 28.80 12.35
C PRO A 133 5.38 27.57 13.23
N LYS A 134 5.65 27.63 14.53
CA LYS A 134 5.49 26.45 15.39
C LYS A 134 4.09 25.84 15.34
N VAL A 135 4.00 24.52 15.26
CA VAL A 135 2.70 23.85 15.28
C VAL A 135 2.49 23.14 16.61
N TYR A 136 1.31 23.28 17.17
CA TYR A 136 0.99 22.64 18.44
C TYR A 136 -0.10 21.58 18.31
N LYS A 137 -0.13 20.67 19.29
CA LYS A 137 -1.24 19.77 19.47
C LYS A 137 -2.14 20.34 20.57
N ILE A 138 -3.45 20.37 20.34
CA ILE A 138 -4.41 20.73 21.39
C ILE A 138 -4.62 19.54 22.31
N THR A 139 -4.39 19.75 23.59
CA THR A 139 -4.47 18.66 24.57
C THR A 139 -5.77 18.70 25.42
N ASN A 140 -6.39 19.86 25.50
CA ASN A 140 -7.63 20.01 26.25
C ASN A 140 -8.31 21.28 25.78
N PHE A 141 -9.60 21.44 26.06
CA PHE A 141 -10.30 22.65 25.66
C PHE A 141 -11.47 22.90 26.58
N SER A 142 -11.63 24.13 27.04
CA SER A 142 -12.87 24.51 27.72
C SER A 142 -13.25 25.90 27.27
N SER A 143 -14.51 26.27 27.46
CA SER A 143 -14.93 27.62 27.11
C SER A 143 -15.86 28.21 28.16
N SER A 144 -15.93 29.53 28.16
CA SER A 144 -16.88 30.26 28.99
C SER A 144 -17.40 31.38 28.12
N GLY A 145 -18.57 31.18 27.53
CA GLY A 145 -19.03 32.11 26.51
C GLY A 145 -17.97 32.23 25.43
N ASN A 146 -17.64 33.46 25.05
CA ASN A 146 -16.69 33.67 23.96
C ASN A 146 -15.23 33.52 24.39
N VAL A 147 -15.03 33.10 25.64
CA VAL A 147 -13.66 32.86 26.10
C VAL A 147 -13.30 31.42 25.85
N TRP A 148 -12.28 31.19 25.01
CA TRP A 148 -11.79 29.85 24.78
C TRP A 148 -10.47 29.62 25.50
N ASN A 149 -10.37 28.49 26.16
CA ASN A 149 -9.17 28.12 26.87
C ASN A 149 -8.62 26.88 26.18
N ILE A 150 -7.62 27.07 25.35
CA ILE A 150 -6.99 25.96 24.62
C ILE A 150 -5.68 25.55 25.29
N SER A 151 -5.64 24.33 25.79
CA SER A 151 -4.40 23.75 26.32
C SER A 151 -3.55 23.14 25.19
N LEU A 152 -2.25 23.45 25.19
CA LEU A 152 -1.37 23.08 24.09
C LEU A 152 -0.19 22.22 24.51
N TYR A 153 0.38 21.53 23.52
CA TYR A 153 1.64 20.81 23.61
C TYR A 153 2.40 21.07 22.30
N PRO A 154 3.67 21.47 22.39
CA PRO A 154 4.38 21.79 23.63
C PRO A 154 3.98 23.17 24.14
N ASP A 155 4.68 23.69 25.13
CA ASP A 155 4.42 25.07 25.58
C ASP A 155 4.68 26.04 24.44
N LEU A 156 4.04 27.20 24.52
CA LEU A 156 4.21 28.27 23.53
C LEU A 156 5.67 28.61 23.36
N PHE A 157 6.09 28.83 22.11
CA PHE A 157 7.49 29.11 21.81
C PHE A 157 7.75 30.60 21.91
N ILE A 158 6.69 31.40 21.92
CA ILE A 158 6.81 32.84 22.05
C ILE A 158 5.81 33.37 23.08
N THR A 159 6.05 34.57 23.59
CA THR A 159 5.05 35.25 24.38
C THR A 159 4.15 36.01 23.40
N THR A 160 2.83 35.90 23.56
CA THR A 160 1.95 36.57 22.60
C THR A 160 2.12 38.09 22.59
N THR A 161 1.87 38.69 21.43
CA THR A 161 2.05 40.13 21.25
C THR A 161 0.73 40.86 21.22
N GLY A 162 -0.35 40.10 21.06
CA GLY A 162 -1.68 40.67 20.95
C GLY A 162 -2.18 40.70 19.51
N SER A 163 -1.29 40.45 18.56
CA SER A 163 -1.68 40.47 17.15
C SER A 163 -1.75 39.08 16.52
N GLU A 164 -1.58 38.04 17.33
CA GLU A 164 -1.68 36.67 16.81
C GLU A 164 -3.14 36.32 16.51
N LYS A 165 -3.36 35.55 15.46
CA LYS A 165 -4.69 34.99 15.22
C LYS A 165 -4.54 33.47 15.27
N PRO A 166 -5.61 32.76 15.69
CA PRO A 166 -5.56 31.31 15.82
C PRO A 166 -5.67 30.70 14.43
N VAL A 167 -5.04 29.55 14.24
CA VAL A 167 -5.22 28.78 13.00
C VAL A 167 -5.56 27.35 13.37
N PHE A 168 -6.68 26.85 12.84
CA PHE A 168 -7.18 25.51 13.15
C PHE A 168 -7.20 24.61 11.94
N ASN A 169 -7.27 25.23 10.75
CA ASN A 169 -7.31 24.50 9.49
C ASN A 169 -6.29 25.07 8.51
N GLY A 170 -5.80 24.22 7.61
CA GLY A 170 -4.85 24.68 6.62
C GLY A 170 -3.50 24.98 7.24
N ILE A 171 -3.18 24.26 8.31
CA ILE A 171 -1.93 24.48 9.03
C ILE A 171 -0.78 23.84 8.26
N LEU A 172 0.25 24.63 7.99
CA LEU A 172 1.46 24.12 7.35
C LEU A 172 2.57 23.97 8.38
N PHE A 173 3.20 22.79 8.41
CA PHE A 173 4.42 22.63 9.18
C PHE A 173 5.58 23.14 8.35
N ARG A 174 6.47 23.92 8.97
CA ARG A 174 7.67 24.38 8.30
CA ARG A 174 7.67 24.37 8.29
C ARG A 174 8.83 23.43 8.60
N THR A 175 9.27 22.70 7.59
CA THR A 175 10.17 21.58 7.83
C THR A 175 11.44 21.55 6.98
N LYS A 176 12.31 20.60 7.32
CA LYS A 176 13.51 20.28 6.54
C LYS A 176 13.42 18.82 6.14
N LEU A 177 13.90 18.50 4.96
CA LEU A 177 13.94 17.12 4.50
C LEU A 177 15.10 16.37 5.21
N MET A 178 14.81 15.19 5.74
CA MET A 178 15.86 14.42 6.41
C MET A 178 16.45 13.34 5.51
N ASN A 179 15.72 12.93 4.48
CA ASN A 179 16.14 11.76 3.71
C ASN A 179 16.37 12.01 2.23
N GLY A 180 16.94 13.16 1.91
CA GLY A 180 17.30 13.47 0.53
C GLY A 180 18.17 12.37 -0.08
N ASP A 181 19.05 11.80 0.75
CA ASP A 181 20.05 10.84 0.27
C ASP A 181 19.48 9.47 -0.04
N SER A 182 18.24 9.22 0.35
CA SER A 182 17.57 7.98 -0.05
C SER A 182 16.27 8.29 -0.78
N PHE A 183 16.20 9.47 -1.36
CA PHE A 183 15.03 9.78 -2.15
C PHE A 183 15.21 9.31 -3.58
N GLY A 184 14.16 8.73 -4.13
CA GLY A 184 14.17 8.40 -5.52
C GLY A 184 13.75 6.97 -5.73
N SER A 185 13.51 6.62 -6.99
CA SER A 185 13.11 5.29 -7.33
C SER A 185 13.50 5.13 -8.78
N THR A 186 13.31 3.94 -9.30
CA THR A 186 13.53 3.73 -10.70
C THR A 186 12.25 3.17 -11.24
N LEU A 187 12.04 3.30 -12.55
CA LEU A 187 10.82 2.85 -13.18
C LEU A 187 10.63 1.37 -12.88
N ASN A 188 9.42 0.98 -12.53
CA ASN A 188 9.14 -0.44 -12.32
C ASN A 188 8.50 -1.05 -13.56
N ASN A 189 8.02 -2.28 -13.44
CA ASN A 189 7.48 -2.98 -14.60
C ASN A 189 6.03 -2.62 -14.99
N ASN A 190 5.37 -1.75 -14.23
CA ASN A 190 4.14 -1.17 -14.76
C ASN A 190 4.25 0.34 -15.05
N GLY A 191 5.48 0.79 -15.17
CA GLY A 191 5.77 2.15 -15.62
C GLY A 191 5.53 3.19 -14.54
N THR A 192 5.63 2.80 -13.28
CA THR A 192 5.55 3.77 -12.19
C THR A 192 6.78 3.71 -11.26
N TYR A 193 6.74 4.48 -10.19
CA TYR A 193 7.84 4.56 -9.23
C TYR A 193 7.35 4.24 -7.83
N SER A 194 7.85 3.15 -7.25
CA SER A 194 7.38 2.68 -5.96
C SER A 194 8.29 3.11 -4.81
N GLY A 195 7.73 3.09 -3.61
CA GLY A 195 8.49 3.22 -2.38
C GLY A 195 8.97 4.61 -2.05
N ILE A 196 8.40 5.62 -2.70
CA ILE A 196 8.81 6.97 -2.39
C ILE A 196 8.22 7.38 -1.05
N SER A 197 9.11 7.85 -0.17
CA SER A 197 8.69 8.37 1.13
C SER A 197 9.52 9.60 1.52
N LEU A 198 8.92 10.50 2.29
CA LEU A 198 9.63 11.69 2.71
C LEU A 198 9.68 11.72 4.24
N SER A 199 10.82 12.10 4.77
CA SER A 199 10.99 12.18 6.21
C SER A 199 11.39 13.60 6.52
N LEU A 200 10.51 14.30 7.24
CA LEU A 200 10.64 15.72 7.48
C LEU A 200 10.74 16.02 8.97
N ARG A 201 11.52 17.06 9.28
CA ARG A 201 11.73 17.50 10.64
C ARG A 201 11.30 18.96 10.71
N GLU A 202 10.43 19.27 11.66
CA GLU A 202 10.05 20.65 11.89
C GLU A 202 11.32 21.44 12.24
N SER A 203 11.55 22.55 11.56
CA SER A 203 12.76 23.35 11.81
C SER A 203 12.54 24.53 12.74
N LEU A 204 13.23 24.51 13.86
CA LEU A 204 13.19 25.62 14.80
C LEU A 204 14.12 26.73 14.31
N GLU A 205 13.79 27.30 13.16
CA GLU A 205 14.56 28.39 12.52
C GLU A 205 15.99 27.99 12.13
N MET B 1 24.84 -3.60 14.44
CA MET B 1 23.61 -4.33 14.67
C MET B 1 22.96 -4.71 13.34
N ARG B 2 22.51 -5.95 13.23
CA ARG B 2 21.78 -6.36 12.06
C ARG B 2 20.32 -5.89 12.13
N LEU B 3 19.87 -5.15 11.13
CA LEU B 3 18.45 -4.81 11.03
C LEU B 3 17.63 -6.09 10.94
N PRO B 4 16.81 -6.38 11.97
CA PRO B 4 16.08 -7.65 12.01
C PRO B 4 15.12 -7.80 10.83
N ASP B 5 14.95 -9.03 10.36
CA ASP B 5 14.12 -9.26 9.18
C ASP B 5 13.50 -10.66 9.27
N PRO B 6 12.64 -11.04 8.31
CA PRO B 6 12.06 -12.38 8.46
C PRO B 6 13.08 -13.52 8.40
N TYR B 7 14.33 -13.24 8.09
CA TYR B 7 15.37 -14.27 8.12
C TYR B 7 15.83 -14.48 9.55
N THR B 8 16.20 -13.40 10.23
CA THR B 8 16.68 -13.52 11.58
C THR B 8 15.51 -13.86 12.50
N ASN B 9 14.35 -13.34 12.18
CA ASN B 9 13.19 -13.49 13.04
C ASN B 9 11.95 -13.85 12.23
N PRO B 10 11.88 -15.10 11.75
CA PRO B 10 10.72 -15.46 10.92
C PRO B 10 9.39 -15.33 11.68
N GLU B 11 9.44 -15.25 13.01
CA GLU B 11 8.21 -15.08 13.78
C GLU B 11 7.53 -13.71 13.53
N TYR B 12 8.26 -12.79 12.88
CA TYR B 12 7.75 -11.45 12.54
C TYR B 12 7.76 -11.18 11.02
N PRO B 13 6.78 -11.71 10.29
CA PRO B 13 6.78 -11.59 8.82
C PRO B 13 6.57 -10.18 8.28
N GLY B 14 5.91 -9.31 9.04
CA GLY B 14 5.80 -7.91 8.65
C GLY B 14 7.12 -7.15 8.52
N LEU B 15 8.18 -7.71 9.11
CA LEU B 15 9.51 -7.12 9.00
C LEU B 15 10.11 -7.36 7.60
N GLY B 16 9.37 -8.02 6.73
CA GLY B 16 9.74 -8.14 5.33
C GLY B 16 9.45 -6.82 4.66
N PHE B 17 10.33 -6.34 3.80
CA PHE B 17 10.09 -5.04 3.17
C PHE B 17 8.96 -5.11 2.17
N GLU B 18 8.16 -4.05 2.15
CA GLU B 18 7.13 -3.88 1.13
C GLU B 18 7.76 -3.26 -0.12
N SER B 19 8.72 -2.36 0.09
CA SER B 19 9.40 -1.70 -1.00
C SER B 19 10.78 -1.31 -0.53
N VAL B 20 11.72 -1.24 -1.47
CA VAL B 20 13.09 -0.84 -1.18
C VAL B 20 13.58 -0.05 -2.36
N ASN B 21 14.24 1.07 -2.10
CA ASN B 21 14.90 1.84 -3.14
C ASN B 21 16.38 2.07 -2.81
N LEU B 22 17.23 1.61 -3.73
CA LEU B 22 18.66 1.80 -3.61
C LEU B 22 19.01 3.08 -4.37
N VAL B 23 19.68 4.00 -3.71
CA VAL B 23 19.88 5.33 -4.28
C VAL B 23 21.37 5.70 -4.34
N ASP B 24 21.82 6.18 -5.50
CA ASP B 24 23.20 6.60 -5.67
C ASP B 24 23.41 8.03 -5.17
N ASN B 25 24.40 8.23 -4.31
CA ASN B 25 24.84 9.57 -3.95
C ASN B 25 26.29 9.83 -4.38
N ASP B 26 26.48 10.83 -5.22
CA ASP B 26 27.80 11.11 -5.78
C ASP B 26 28.08 12.62 -5.83
N ILE B 43 33.69 16.30 -4.24
CA ILE B 43 33.52 16.77 -2.87
C ILE B 43 33.75 15.63 -1.88
N SER B 44 33.08 14.51 -2.12
CA SER B 44 33.20 13.35 -1.24
C SER B 44 33.09 12.06 -2.04
N ALA B 45 33.21 10.94 -1.34
CA ALA B 45 33.13 9.63 -1.97
C ALA B 45 31.67 9.19 -2.10
N GLN B 46 31.42 8.31 -3.04
CA GLN B 46 30.08 7.82 -3.33
C GLN B 46 29.57 7.03 -2.12
N TYR B 47 28.26 7.05 -1.93
CA TYR B 47 27.64 6.19 -0.93
C TYR B 47 26.20 5.88 -1.29
N TRP B 48 25.76 4.69 -0.93
CA TRP B 48 24.39 4.28 -1.20
C TRP B 48 23.43 4.83 -0.13
N GLY B 49 22.23 5.20 -0.55
CA GLY B 49 21.13 5.47 0.37
C GLY B 49 20.14 4.34 0.23
N ILE B 50 19.48 3.96 1.32
CA ILE B 50 18.49 2.89 1.24
C ILE B 50 17.20 3.38 1.86
N ASN B 51 16.09 3.28 1.12
CA ASN B 51 14.79 3.67 1.64
C ASN B 51 13.84 2.48 1.72
N ILE B 52 13.55 2.04 2.94
CA ILE B 52 12.76 0.85 3.20
C ILE B 52 11.34 1.22 3.64
N SER B 53 10.34 0.63 3.00
CA SER B 53 8.97 0.85 3.42
C SER B 53 8.39 -0.45 3.94
N TYR B 54 7.76 -0.38 5.11
CA TYR B 54 7.18 -1.58 5.69
C TYR B 54 5.69 -1.72 5.36
N PRO B 55 5.20 -2.95 5.35
CA PRO B 55 3.74 -3.09 5.29
C PRO B 55 3.20 -2.73 6.67
N GLU B 56 1.90 -2.85 6.88
CA GLU B 56 1.33 -2.61 8.20
C GLU B 56 1.90 -3.61 9.20
N LEU B 57 2.48 -3.11 10.28
CA LEU B 57 3.08 -3.94 11.30
C LEU B 57 2.11 -4.23 12.45
N PHE B 58 2.20 -5.43 13.01
CA PHE B 58 1.35 -5.81 14.13
C PHE B 58 2.05 -5.41 15.42
N PRO B 59 1.30 -5.32 16.53
CA PRO B 59 1.86 -4.90 17.82
C PRO B 59 3.20 -5.55 18.21
N ASP B 60 3.29 -6.87 18.13
CA ASP B 60 4.51 -7.56 18.54
C ASP B 60 5.72 -7.21 17.67
N GLU B 61 5.48 -7.10 16.37
CA GLU B 61 6.52 -6.78 15.40
C GLU B 61 6.98 -5.34 15.56
N TYR B 62 6.02 -4.44 15.75
CA TYR B 62 6.36 -3.03 15.88
C TYR B 62 7.17 -2.76 17.16
N ALA B 63 6.78 -3.40 18.25
CA ALA B 63 7.48 -3.22 19.52
C ALA B 63 8.90 -3.75 19.41
N PHE B 64 9.05 -4.86 18.69
CA PHE B 64 10.36 -5.47 18.49
C PHE B 64 11.26 -4.54 17.70
N LEU B 65 10.79 -4.09 16.54
CA LEU B 65 11.60 -3.20 15.71
C LEU B 65 11.94 -1.93 16.50
N ASP B 66 10.93 -1.35 17.16
CA ASP B 66 11.14 -0.15 17.97
C ASP B 66 12.22 -0.36 19.03
N SER B 67 12.14 -1.50 19.70
CA SER B 67 13.09 -1.84 20.74
C SER B 67 14.50 -1.91 20.17
N ARG B 68 14.62 -2.52 18.99
CA ARG B 68 15.93 -2.70 18.39
C ARG B 68 16.53 -1.38 17.93
N LEU B 69 15.69 -0.52 17.36
CA LEU B 69 16.18 0.78 16.88
C LEU B 69 16.63 1.68 18.04
N LEU B 70 15.92 1.59 19.16
CA LEU B 70 16.27 2.36 20.35
C LEU B 70 17.61 1.88 20.91
N GLU B 71 17.82 0.57 20.89
CA GLU B 71 19.09 0.00 21.32
C GLU B 71 20.19 0.44 20.39
N TYR B 72 19.87 0.49 19.10
CA TYR B 72 20.79 1.02 18.11
C TYR B 72 21.11 2.47 18.42
N LYS B 73 20.08 3.25 18.74
CA LYS B 73 20.31 4.66 19.04
C LYS B 73 21.19 4.86 20.28
N ARG B 74 20.98 4.02 21.29
CA ARG B 74 21.75 4.13 22.53
C ARG B 74 23.21 3.73 22.37
N THR B 75 23.46 2.75 21.51
CA THR B 75 24.80 2.19 21.41
C THR B 75 25.69 2.92 20.39
N GLY B 76 25.08 3.71 19.51
CA GLY B 76 25.84 4.45 18.51
C GLY B 76 26.43 3.54 17.44
N ASP B 77 25.88 2.35 17.32
CA ASP B 77 26.35 1.37 16.35
C ASP B 77 25.95 1.72 14.90
N TYR B 78 26.23 0.80 13.99
CA TYR B 78 25.72 0.93 12.64
C TYR B 78 24.60 -0.07 12.54
N LEU B 79 23.74 0.11 11.55
CA LEU B 79 22.73 -0.89 11.22
C LEU B 79 23.16 -1.62 9.95
N ASP B 80 23.27 -2.94 10.04
CA ASP B 80 23.64 -3.75 8.89
C ASP B 80 22.38 -4.28 8.26
N VAL B 81 22.16 -3.99 6.99
CA VAL B 81 20.92 -4.44 6.35
C VAL B 81 21.13 -5.31 5.10
N LEU B 82 20.35 -6.38 5.04
CA LEU B 82 20.26 -7.24 3.87
C LEU B 82 19.08 -6.80 3.02
N LEU B 83 19.32 -6.65 1.73
CA LEU B 83 18.27 -6.35 0.76
C LEU B 83 17.92 -7.58 -0.08
N PRO B 84 16.86 -8.29 0.28
CA PRO B 84 16.50 -9.58 -0.34
C PRO B 84 16.35 -9.56 -1.86
N GLN B 85 15.87 -8.46 -2.44
CA GLN B 85 15.73 -8.42 -3.91
C GLN B 85 17.07 -8.54 -4.66
N TYR B 86 18.18 -8.36 -3.95
CA TYR B 86 19.50 -8.58 -4.55
C TYR B 86 20.07 -9.94 -4.16
N GLU B 87 19.25 -10.79 -3.55
CA GLU B 87 19.65 -12.17 -3.30
C GLU B 87 19.42 -12.97 -4.57
N ALA B 88 20.25 -12.71 -5.57
CA ALA B 88 20.11 -13.29 -6.91
C ALA B 88 20.57 -14.74 -7.00
N PHE B 89 21.65 -15.07 -6.29
CA PHE B 89 22.23 -16.41 -6.32
C PHE B 89 22.51 -16.87 -7.76
N ARG B 90 22.85 -15.90 -8.60
CA ARG B 90 23.37 -16.16 -9.93
C ARG B 90 24.78 -16.76 -9.89
N VAL B 91 25.51 -16.46 -8.83
CA VAL B 91 26.82 -17.02 -8.60
C VAL B 91 26.79 -17.88 -7.36
N ARG B 92 27.23 -19.12 -7.48
CA ARG B 92 27.23 -20.00 -6.32
C ARG B 92 28.54 -20.74 -6.18
N GLY B 93 28.78 -21.27 -4.98
CA GLY B 93 30.01 -21.99 -4.73
C GLY B 93 30.86 -21.32 -3.66
N ASP B 94 32.00 -21.94 -3.38
CA ASP B 94 32.86 -21.55 -2.27
C ASP B 94 33.71 -20.33 -2.58
N THR B 95 33.30 -19.17 -2.09
CA THR B 95 34.01 -17.93 -2.44
C THR B 95 35.32 -17.75 -1.69
N LYS B 96 35.60 -18.62 -0.72
CA LYS B 96 36.86 -18.52 0.03
C LYS B 96 38.00 -19.21 -0.72
N SER B 97 37.65 -20.05 -1.68
CA SER B 97 38.65 -20.71 -2.48
C SER B 97 39.02 -19.84 -3.68
N VAL B 98 38.25 -18.77 -3.86
CA VAL B 98 38.56 -17.77 -4.85
C VAL B 98 39.78 -16.98 -4.41
N THR B 99 40.66 -16.66 -5.36
CA THR B 99 41.79 -15.79 -5.09
C THR B 99 41.58 -14.42 -5.72
N ILE B 100 41.90 -13.37 -4.98
CA ILE B 100 41.89 -12.01 -5.51
C ILE B 100 43.28 -11.41 -5.39
N PRO B 101 43.98 -11.25 -6.54
CA PRO B 101 45.37 -10.78 -6.44
C PRO B 101 45.47 -9.40 -5.80
N ALA B 102 46.61 -9.17 -5.13
CA ALA B 102 46.89 -7.93 -4.43
C ALA B 102 47.27 -6.79 -5.37
N GLY B 103 47.17 -5.58 -4.85
CA GLY B 103 47.64 -4.41 -5.56
C GLY B 103 46.63 -3.77 -6.49
N GLN B 104 45.42 -4.32 -6.55
CA GLN B 104 44.42 -3.80 -7.47
C GLN B 104 43.63 -2.61 -6.92
N LYS B 105 43.36 -1.66 -7.81
CA LYS B 105 42.54 -0.51 -7.48
C LYS B 105 41.82 -0.05 -8.73
N GLY B 106 40.96 0.94 -8.61
CA GLY B 106 40.25 1.46 -9.76
C GLY B 106 38.92 0.78 -9.97
N SER B 107 38.45 0.77 -11.21
CA SER B 107 37.11 0.30 -11.51
C SER B 107 37.00 -1.20 -11.85
N GLN B 108 38.12 -1.90 -11.94
CA GLN B 108 38.06 -3.32 -12.30
C GLN B 108 38.62 -4.18 -11.19
N ILE B 109 38.03 -5.35 -10.99
CA ILE B 109 38.56 -6.31 -10.05
C ILE B 109 38.70 -7.66 -10.74
N ILE B 110 39.92 -8.16 -10.73
CA ILE B 110 40.21 -9.45 -11.33
C ILE B 110 40.28 -10.48 -10.22
N LEU B 111 39.75 -11.66 -10.46
CA LEU B 111 39.89 -12.71 -9.50
C LEU B 111 40.05 -14.04 -10.18
N ASN B 112 40.56 -14.99 -9.43
CA ASN B 112 40.80 -16.33 -9.91
C ASN B 112 39.80 -17.24 -9.23
N THR B 113 38.79 -17.69 -9.98
CA THR B 113 37.75 -18.51 -9.38
C THR B 113 38.27 -19.87 -8.93
N ASN B 114 39.39 -20.29 -9.50
CA ASN B 114 39.93 -21.62 -9.26
C ASN B 114 38.93 -22.75 -9.57
N GLY B 115 37.99 -22.47 -10.48
CA GLY B 115 36.94 -23.42 -10.81
C GLY B 115 35.92 -23.71 -9.70
N THR B 116 35.84 -22.87 -8.69
CA THR B 116 34.95 -23.17 -7.57
C THR B 116 33.61 -22.44 -7.60
N LEU B 117 33.43 -21.54 -8.57
CA LEU B 117 32.19 -20.78 -8.68
C LEU B 117 31.35 -21.27 -9.84
N THR B 118 30.06 -21.40 -9.60
CA THR B 118 29.11 -21.76 -10.64
C THR B 118 28.26 -20.54 -11.02
N GLY B 119 27.89 -20.45 -12.30
CA GLY B 119 27.14 -19.32 -12.81
C GLY B 119 28.00 -18.08 -12.99
N GLN B 120 27.36 -16.98 -13.37
CA GLN B 120 28.07 -15.71 -13.54
C GLN B 120 27.23 -14.47 -13.20
N PRO B 121 27.90 -13.38 -12.79
CA PRO B 121 27.16 -12.16 -12.44
C PRO B 121 26.74 -11.37 -13.68
N LYS B 122 25.72 -10.54 -13.51
CA LYS B 122 25.34 -9.61 -14.57
C LYS B 122 25.33 -8.18 -14.06
N ALA B 123 25.41 -7.24 -14.99
CA ALA B 123 25.42 -5.82 -14.65
C ALA B 123 24.18 -5.54 -13.81
N GLY B 124 24.35 -4.79 -12.73
CA GLY B 124 23.22 -4.49 -11.86
C GLY B 124 23.24 -5.26 -10.56
N ASP B 125 23.99 -6.37 -10.51
CA ASP B 125 24.11 -7.12 -9.26
C ASP B 125 25.06 -6.41 -8.33
N LEU B 126 24.96 -6.72 -7.04
CA LEU B 126 25.85 -6.08 -6.09
C LEU B 126 27.11 -6.89 -5.97
N PHE B 127 28.09 -6.29 -5.34
CA PHE B 127 29.35 -6.95 -5.07
C PHE B 127 30.01 -6.29 -3.85
N LYS B 128 30.64 -7.12 -3.02
CA LYS B 128 31.33 -6.61 -1.86
C LYS B 128 32.59 -7.43 -1.66
N LEU B 129 33.63 -6.80 -1.13
CA LEU B 129 34.82 -7.54 -0.71
C LEU B 129 34.62 -7.99 0.72
N SER B 130 35.12 -9.17 1.06
CA SER B 130 34.87 -9.72 2.39
C SER B 130 35.50 -8.88 3.52
N THR B 131 36.55 -8.13 3.19
CA THR B 131 37.36 -7.46 4.20
C THR B 131 37.01 -5.99 4.42
N HIS B 132 36.08 -5.46 3.62
CA HIS B 132 35.76 -4.04 3.69
C HIS B 132 34.26 -3.86 3.50
N PRO B 133 33.66 -2.90 4.22
CA PRO B 133 32.19 -2.83 4.20
C PRO B 133 31.58 -2.19 2.96
N LYS B 134 32.34 -1.51 2.10
CA LYS B 134 31.74 -0.83 0.95
C LYS B 134 30.97 -1.79 0.04
N VAL B 135 29.78 -1.39 -0.40
CA VAL B 135 29.05 -2.19 -1.39
C VAL B 135 29.11 -1.54 -2.78
N TYR B 136 29.36 -2.36 -3.81
CA TYR B 136 29.48 -1.90 -5.19
C TYR B 136 28.36 -2.47 -6.08
N LYS B 137 28.09 -1.82 -7.20
CA LYS B 137 27.29 -2.43 -8.25
C LYS B 137 28.20 -2.94 -9.37
N ILE B 138 27.92 -4.12 -9.89
CA ILE B 138 28.64 -4.65 -11.04
C ILE B 138 28.08 -3.96 -12.27
N THR B 139 28.94 -3.32 -13.04
CA THR B 139 28.52 -2.60 -14.24
C THR B 139 28.84 -3.38 -15.53
N ASN B 140 29.70 -4.39 -15.41
CA ASN B 140 30.08 -5.20 -16.55
C ASN B 140 30.80 -6.46 -16.08
N PHE B 141 30.82 -7.48 -16.95
CA PHE B 141 31.48 -8.72 -16.62
C PHE B 141 32.05 -9.37 -17.86
N SER B 142 33.32 -9.76 -17.80
CA SER B 142 33.87 -10.64 -18.82
C SER B 142 34.68 -11.73 -18.13
N SER B 143 34.88 -12.84 -18.81
CA SER B 143 35.71 -13.88 -18.25
C SER B 143 36.58 -14.52 -19.32
N SER B 144 37.71 -15.06 -18.89
CA SER B 144 38.56 -15.89 -19.72
C SER B 144 38.93 -17.08 -18.87
N GLY B 145 38.22 -18.19 -19.06
CA GLY B 145 38.43 -19.35 -18.22
C GLY B 145 38.08 -19.02 -16.78
N ASN B 146 39.00 -19.31 -15.86
CA ASN B 146 38.76 -19.04 -14.44
C ASN B 146 39.06 -17.58 -14.06
N VAL B 147 39.53 -16.78 -15.01
CA VAL B 147 39.75 -15.37 -14.75
C VAL B 147 38.44 -14.61 -14.88
N TRP B 148 37.98 -14.00 -13.78
CA TRP B 148 36.82 -13.11 -13.85
C TRP B 148 37.26 -11.66 -13.76
N ASN B 149 36.72 -10.85 -14.67
CA ASN B 149 36.99 -9.44 -14.70
C ASN B 149 35.66 -8.78 -14.38
N ILE B 150 35.55 -8.22 -13.19
CA ILE B 150 34.31 -7.58 -12.79
C ILE B 150 34.48 -6.07 -12.78
N SER B 151 33.67 -5.37 -13.55
CA SER B 151 33.66 -3.92 -13.54
C SER B 151 32.71 -3.42 -12.44
N LEU B 152 33.15 -2.46 -11.66
CA LEU B 152 32.39 -1.99 -10.50
C LEU B 152 32.09 -0.51 -10.51
N TYR B 153 31.04 -0.14 -9.77
CA TYR B 153 30.72 1.24 -9.44
C TYR B 153 30.43 1.28 -7.95
N PRO B 154 31.03 2.25 -7.23
CA PRO B 154 32.06 3.18 -7.70
C PRO B 154 33.39 2.45 -7.76
N ASP B 155 34.47 3.20 -7.95
CA ASP B 155 35.82 2.63 -7.94
C ASP B 155 36.11 2.05 -6.56
N LEU B 156 37.05 1.10 -6.51
CA LEU B 156 37.44 0.45 -5.26
C LEU B 156 37.87 1.50 -4.23
N PHE B 157 37.40 1.33 -2.99
CA PHE B 157 37.74 2.23 -1.91
C PHE B 157 39.05 1.83 -1.25
N ILE B 158 39.55 0.63 -1.57
CA ILE B 158 40.83 0.16 -1.04
C ILE B 158 41.67 -0.43 -2.16
N THR B 159 42.97 -0.53 -1.92
CA THR B 159 43.84 -1.33 -2.77
C THR B 159 43.84 -2.75 -2.22
N THR B 160 43.59 -3.75 -3.06
CA THR B 160 43.54 -5.13 -2.61
C THR B 160 44.84 -5.58 -1.95
N THR B 161 44.72 -6.43 -0.93
CA THR B 161 45.86 -6.92 -0.17
C THR B 161 46.20 -8.35 -0.57
N GLY B 162 45.31 -8.99 -1.30
CA GLY B 162 45.47 -10.38 -1.69
C GLY B 162 44.68 -11.33 -0.83
N SER B 163 44.19 -10.84 0.30
CA SER B 163 43.44 -11.69 1.22
C SER B 163 41.91 -11.55 1.09
N GLU B 164 41.45 -10.60 0.27
CA GLU B 164 40.00 -10.36 0.12
C GLU B 164 39.30 -11.52 -0.57
N LYS B 165 38.07 -11.81 -0.15
CA LYS B 165 37.28 -12.80 -0.88
C LYS B 165 36.03 -12.13 -1.44
N PRO B 166 35.52 -12.64 -2.56
CA PRO B 166 34.37 -11.98 -3.17
C PRO B 166 33.10 -12.36 -2.44
N VAL B 167 32.15 -11.43 -2.43
CA VAL B 167 30.83 -11.71 -1.88
C VAL B 167 29.80 -11.30 -2.93
N PHE B 168 28.96 -12.24 -3.35
CA PHE B 168 27.90 -11.98 -4.30
C PHE B 168 26.51 -12.11 -3.70
N ASN B 169 26.38 -12.90 -2.63
CA ASN B 169 25.09 -13.13 -1.99
C ASN B 169 25.12 -12.88 -0.47
N GLY B 170 24.00 -12.47 0.11
CA GLY B 170 23.99 -12.15 1.52
C GLY B 170 24.86 -10.95 1.84
N ILE B 171 24.88 -9.96 0.96
CA ILE B 171 25.67 -8.75 1.17
C ILE B 171 24.92 -7.85 2.13
N LEU B 172 25.61 -7.38 3.16
CA LEU B 172 25.01 -6.42 4.06
C LEU B 172 25.61 -5.04 3.86
N PHE B 173 24.76 -4.03 3.81
CA PHE B 173 25.20 -2.65 3.75
C PHE B 173 25.42 -2.18 5.18
N ARG B 174 26.50 -1.45 5.43
CA ARG B 174 26.70 -0.90 6.76
C ARG B 174 26.18 0.54 6.77
N THR B 175 25.17 0.80 7.59
CA THR B 175 24.45 2.05 7.42
C THR B 175 24.17 2.80 8.71
N LYS B 176 23.78 4.05 8.55
CA LYS B 176 23.27 4.87 9.65
C LYS B 176 21.82 5.24 9.35
N LEU B 177 21.00 5.26 10.38
CA LEU B 177 19.60 5.67 10.22
C LEU B 177 19.53 7.19 10.03
N MET B 178 18.81 7.67 8.99
CA MET B 178 18.61 9.11 8.80
C MET B 178 17.29 9.66 9.35
N ASN B 179 16.27 8.83 9.51
CA ASN B 179 14.95 9.34 9.89
C ASN B 179 14.39 8.85 11.21
N GLY B 180 15.29 8.74 12.19
CA GLY B 180 14.89 8.34 13.52
C GLY B 180 13.88 9.32 14.09
N ASP B 181 14.07 10.60 13.77
CA ASP B 181 13.18 11.67 14.22
C ASP B 181 11.76 11.60 13.64
N SER B 182 11.56 10.79 12.61
CA SER B 182 10.20 10.60 12.10
C SER B 182 9.79 9.13 12.10
N PHE B 183 10.47 8.34 12.93
CA PHE B 183 10.11 6.94 13.08
C PHE B 183 9.01 6.77 14.10
N GLY B 184 8.07 5.90 13.80
CA GLY B 184 7.02 5.60 14.75
C GLY B 184 5.66 5.75 14.11
N SER B 185 4.67 5.20 14.79
CA SER B 185 3.32 5.18 14.29
C SER B 185 2.46 5.05 15.53
N THR B 186 1.17 5.30 15.37
CA THR B 186 0.21 5.11 16.43
C THR B 186 -0.68 3.98 15.97
N LEU B 187 -1.25 3.24 16.91
CA LEU B 187 -2.11 2.10 16.60
C LEU B 187 -3.30 2.57 15.78
N ASN B 188 -3.65 1.84 14.71
CA ASN B 188 -4.83 2.23 13.92
C ASN B 188 -6.09 1.42 14.22
N ASN B 189 -7.12 1.62 13.40
CA ASN B 189 -8.41 0.95 13.56
C ASN B 189 -8.31 -0.55 13.31
N ASN B 190 -7.38 -0.94 12.45
CA ASN B 190 -7.14 -2.34 12.15
C ASN B 190 -6.30 -3.02 13.24
N GLY B 191 -5.87 -2.24 14.22
CA GLY B 191 -5.06 -2.76 15.30
C GLY B 191 -3.61 -2.97 14.87
N THR B 192 -3.17 -2.19 13.89
CA THR B 192 -1.78 -2.30 13.43
C THR B 192 -1.11 -0.93 13.35
N TYR B 193 0.15 -0.93 12.96
CA TYR B 193 0.91 0.30 12.80
C TYR B 193 1.24 0.53 11.34
N SER B 194 0.76 1.64 10.79
CA SER B 194 0.91 1.92 9.37
CA SER B 194 0.90 1.92 9.37
C SER B 194 2.02 2.92 9.07
N GLY B 195 2.46 2.95 7.83
CA GLY B 195 3.43 3.92 7.33
C GLY B 195 4.83 3.95 7.90
N ILE B 196 5.34 2.82 8.37
CA ILE B 196 6.67 2.82 8.94
C ILE B 196 7.66 2.67 7.82
N SER B 197 8.66 3.53 7.83
CA SER B 197 9.73 3.44 6.85
C SER B 197 11.09 3.71 7.49
N LEU B 198 12.15 3.17 6.90
CA LEU B 198 13.48 3.48 7.39
C LEU B 198 14.30 4.05 6.26
N SER B 199 15.03 5.12 6.56
CA SER B 199 15.92 5.71 5.57
C SER B 199 17.36 5.57 6.07
N LEU B 200 18.17 4.86 5.30
CA LEU B 200 19.53 4.49 5.72
C LEU B 200 20.57 5.08 4.77
N ARG B 201 21.68 5.57 5.32
CA ARG B 201 22.80 6.03 4.53
C ARG B 201 24.02 5.16 4.79
N GLU B 202 24.63 4.68 3.71
CA GLU B 202 25.85 3.90 3.85
C GLU B 202 26.90 4.74 4.58
N SER B 203 27.45 4.21 5.66
CA SER B 203 28.43 4.97 6.45
C SER B 203 29.87 4.81 5.99
N LEU B 204 30.52 5.94 5.72
CA LEU B 204 31.86 5.99 5.13
C LEU B 204 32.99 6.17 6.15
N GLU B 205 32.85 5.57 7.32
CA GLU B 205 33.88 5.69 8.35
C GLU B 205 34.25 4.33 8.94
N MET C 1 -29.37 12.70 -9.70
CA MET C 1 -28.51 13.78 -9.22
C MET C 1 -27.32 13.26 -8.42
N ARG C 2 -26.29 14.09 -8.32
CA ARG C 2 -25.08 13.73 -7.59
C ARG C 2 -25.18 14.00 -6.07
N LEU C 3 -24.80 13.04 -5.24
CA LEU C 3 -24.73 13.29 -3.81
C LEU C 3 -23.64 14.33 -3.59
N PRO C 4 -24.01 15.48 -3.02
CA PRO C 4 -23.01 16.55 -2.88
C PRO C 4 -21.90 16.14 -1.92
N ASP C 5 -20.66 16.50 -2.29
CA ASP C 5 -19.50 16.16 -1.49
C ASP C 5 -18.45 17.29 -1.60
N PRO C 6 -17.29 17.17 -0.91
CA PRO C 6 -16.34 18.30 -1.00
C PRO C 6 -15.76 18.48 -2.39
N TYR C 7 -15.89 17.49 -3.25
CA TYR C 7 -15.40 17.63 -4.61
C TYR C 7 -16.31 18.55 -5.39
N THR C 8 -17.62 18.30 -5.31
CA THR C 8 -18.60 19.14 -5.95
C THR C 8 -18.78 20.44 -5.19
N ASN C 9 -18.56 20.39 -3.87
CA ASN C 9 -18.83 21.55 -3.01
C ASN C 9 -17.77 21.70 -1.92
N PRO C 10 -16.58 22.17 -2.30
CA PRO C 10 -15.46 22.27 -1.36
C PRO C 10 -15.75 23.22 -0.20
N GLU C 11 -16.67 24.16 -0.39
CA GLU C 11 -17.07 25.08 0.67
C GLU C 11 -17.80 24.35 1.80
N TYR C 12 -18.06 23.06 1.59
CA TYR C 12 -18.80 22.26 2.57
C TYR C 12 -18.03 21.00 2.94
N PRO C 13 -16.96 21.14 3.72
CA PRO C 13 -16.05 20.02 4.00
C PRO C 13 -16.67 18.93 4.89
N GLY C 14 -17.73 19.27 5.63
CA GLY C 14 -18.43 18.28 6.43
C GLY C 14 -19.12 17.22 5.57
N LEU C 15 -19.30 17.52 4.29
CA LEU C 15 -19.95 16.57 3.39
C LEU C 15 -19.01 15.42 3.01
N GLY C 16 -17.74 15.56 3.38
CA GLY C 16 -16.82 14.45 3.25
C GLY C 16 -17.17 13.42 4.31
N PHE C 17 -17.85 12.35 3.91
CA PHE C 17 -18.28 11.36 4.89
C PHE C 17 -17.09 10.57 5.40
N GLU C 18 -16.90 10.58 6.71
CA GLU C 18 -15.71 10.00 7.32
C GLU C 18 -16.00 8.61 7.84
N SER C 19 -17.01 7.96 7.25
CA SER C 19 -17.32 6.57 7.55
C SER C 19 -18.20 5.95 6.46
N VAL C 20 -17.74 4.82 5.92
CA VAL C 20 -18.44 4.13 4.83
C VAL C 20 -18.19 2.62 4.86
N ASN C 21 -19.27 1.85 4.77
CA ASN C 21 -19.16 0.40 4.64
C ASN C 21 -19.77 -0.03 3.30
N LEU C 22 -18.99 -0.73 2.49
CA LEU C 22 -19.50 -1.27 1.23
C LEU C 22 -20.01 -2.68 1.50
N VAL C 23 -21.32 -2.86 1.32
CA VAL C 23 -21.98 -4.07 1.74
C VAL C 23 -22.47 -4.85 0.53
N ASP C 24 -22.13 -6.13 0.48
CA ASP C 24 -22.51 -6.98 -0.64
C ASP C 24 -23.87 -7.60 -0.35
N ASN C 25 -24.89 -7.16 -1.07
CA ASN C 25 -26.15 -7.87 -1.01
C ASN C 25 -26.18 -8.93 -2.09
N ASP C 26 -26.00 -10.19 -1.69
CA ASP C 26 -25.78 -11.30 -2.64
C ASP C 26 -26.91 -11.86 -3.53
N PRO C 27 -28.20 -11.67 -3.17
CA PRO C 27 -29.34 -12.36 -3.79
C PRO C 27 -29.19 -13.63 -4.65
N MET C 28 -29.87 -14.70 -4.23
CA MET C 28 -30.75 -14.65 -3.06
C MET C 28 -30.86 -16.02 -2.42
N ALA C 45 -30.33 -10.80 -8.36
CA ALA C 45 -29.31 -9.82 -8.75
C ALA C 45 -28.66 -9.13 -7.56
N GLN C 46 -27.34 -9.10 -7.61
CA GLN C 46 -26.52 -8.51 -6.57
C GLN C 46 -26.69 -6.99 -6.59
N TYR C 47 -26.53 -6.34 -5.45
CA TYR C 47 -26.50 -4.90 -5.45
C TYR C 47 -25.66 -4.45 -4.29
N TRP C 48 -24.97 -3.34 -4.46
CA TRP C 48 -24.14 -2.84 -3.37
C TRP C 48 -25.01 -2.01 -2.45
N GLY C 49 -24.77 -2.12 -1.15
CA GLY C 49 -25.36 -1.22 -0.20
C GLY C 49 -24.28 -0.27 0.31
N ILE C 50 -24.65 0.98 0.51
CA ILE C 50 -23.68 1.99 0.92
C ILE C 50 -24.26 2.74 2.09
N ASN C 51 -23.56 2.68 3.22
CA ASN C 51 -23.98 3.41 4.40
C ASN C 51 -23.04 4.58 4.66
N ILE C 52 -23.60 5.79 4.57
CA ILE C 52 -22.84 7.02 4.67
C ILE C 52 -23.01 7.62 6.07
N SER C 53 -21.92 7.78 6.81
CA SER C 53 -21.98 8.47 8.08
C SER C 53 -21.26 9.80 8.01
N TYR C 54 -21.95 10.86 8.38
CA TYR C 54 -21.32 12.17 8.41
C TYR C 54 -20.75 12.53 9.78
N PRO C 55 -19.65 13.30 9.79
CA PRO C 55 -19.19 13.96 11.01
C PRO C 55 -20.22 15.02 11.36
N GLU C 56 -19.90 15.89 12.31
CA GLU C 56 -20.81 16.99 12.61
C GLU C 56 -20.99 17.83 11.35
N LEU C 57 -22.25 18.08 10.98
CA LEU C 57 -22.50 18.98 9.89
C LEU C 57 -22.81 20.37 10.41
N PHE C 58 -22.26 21.38 9.76
CA PHE C 58 -22.59 22.75 10.16
C PHE C 58 -23.93 23.11 9.51
N PRO C 59 -24.65 24.08 10.09
CA PRO C 59 -25.98 24.47 9.61
C PRO C 59 -26.06 24.69 8.11
N ASP C 60 -25.08 25.39 7.54
CA ASP C 60 -25.00 25.66 6.11
C ASP C 60 -24.92 24.38 5.27
N GLU C 61 -23.99 23.52 5.61
CA GLU C 61 -23.81 22.30 4.83
C GLU C 61 -24.97 21.33 5.04
N TYR C 62 -25.47 21.23 6.27
CA TYR C 62 -26.63 20.40 6.54
C TYR C 62 -27.88 20.90 5.79
N ALA C 63 -28.11 22.22 5.79
CA ALA C 63 -29.24 22.77 5.05
C ALA C 63 -29.15 22.45 3.56
N PHE C 64 -27.95 22.61 3.00
CA PHE C 64 -27.74 22.35 1.59
C PHE C 64 -28.00 20.87 1.28
N LEU C 65 -27.49 19.97 2.11
CA LEU C 65 -27.70 18.55 1.92
C LEU C 65 -29.18 18.19 2.00
N ASP C 66 -29.85 18.83 2.96
CA ASP C 66 -31.25 18.59 3.22
C ASP C 66 -32.09 18.94 1.99
N SER C 67 -31.81 20.09 1.40
CA SER C 67 -32.54 20.52 0.21
C SER C 67 -32.25 19.63 -1.00
N ARG C 68 -31.04 19.10 -1.10
CA ARG C 68 -30.68 18.19 -2.20
C ARG C 68 -31.56 16.95 -2.19
N LEU C 69 -31.69 16.36 -1.01
CA LEU C 69 -32.47 15.15 -0.80
C LEU C 69 -33.96 15.40 -0.90
N LEU C 70 -34.36 16.62 -0.55
CA LEU C 70 -35.77 16.98 -0.69
C LEU C 70 -36.08 17.06 -2.17
N GLU C 71 -35.15 17.62 -2.94
CA GLU C 71 -35.35 17.63 -4.38
C GLU C 71 -35.28 16.23 -4.97
N TYR C 72 -34.36 15.42 -4.45
CA TYR C 72 -34.26 14.03 -4.91
C TYR C 72 -35.61 13.33 -4.73
N LYS C 73 -36.20 13.48 -3.55
CA LYS C 73 -37.45 12.80 -3.24
C LYS C 73 -38.60 13.30 -4.12
N ARG C 74 -38.72 14.62 -4.25
CA ARG C 74 -39.83 15.20 -4.98
C ARG C 74 -39.80 14.97 -6.48
N THR C 75 -38.63 14.62 -7.00
CA THR C 75 -38.47 14.40 -8.44
C THR C 75 -38.28 12.93 -8.82
N GLY C 76 -38.26 12.06 -7.82
CA GLY C 76 -38.14 10.63 -8.04
C GLY C 76 -36.82 10.28 -8.72
N ASP C 77 -35.81 11.08 -8.41
CA ASP C 77 -34.49 10.96 -9.01
C ASP C 77 -33.68 9.80 -8.40
N TYR C 78 -32.45 9.62 -8.84
CA TYR C 78 -31.56 8.71 -8.14
C TYR C 78 -30.31 9.45 -7.72
N LEU C 79 -29.59 8.88 -6.77
CA LEU C 79 -28.45 9.57 -6.19
C LEU C 79 -27.13 8.95 -6.64
N ASP C 80 -26.35 9.70 -7.39
CA ASP C 80 -25.02 9.26 -7.83
C ASP C 80 -24.01 9.54 -6.73
N VAL C 81 -23.28 8.51 -6.30
CA VAL C 81 -22.35 8.61 -5.18
C VAL C 81 -20.93 8.22 -5.54
N LEU C 82 -19.99 9.10 -5.21
CA LEU C 82 -18.57 8.87 -5.37
C LEU C 82 -17.98 8.40 -4.04
N LEU C 83 -17.22 7.31 -4.07
CA LEU C 83 -16.54 6.82 -2.88
C LEU C 83 -15.05 7.07 -3.00
N PRO C 84 -14.58 8.16 -2.38
CA PRO C 84 -13.22 8.69 -2.46
C PRO C 84 -12.16 7.64 -2.16
N GLN C 85 -12.44 6.68 -1.29
CA GLN C 85 -11.44 5.69 -0.92
C GLN C 85 -11.09 4.77 -2.10
N TYR C 86 -11.96 4.76 -3.10
CA TYR C 86 -11.77 3.95 -4.29
C TYR C 86 -11.22 4.75 -5.48
N GLU C 87 -10.90 6.02 -5.26
CA GLU C 87 -10.17 6.80 -6.25
C GLU C 87 -8.69 6.41 -6.24
N ALA C 88 -8.36 5.26 -6.83
CA ALA C 88 -7.00 4.73 -6.82
C ALA C 88 -6.09 5.43 -7.84
N PHE C 89 -6.65 5.74 -9.00
CA PHE C 89 -5.88 6.27 -10.12
C PHE C 89 -4.68 5.37 -10.39
N ARG C 90 -4.91 4.06 -10.31
CA ARG C 90 -3.91 3.06 -10.63
C ARG C 90 -3.89 2.83 -12.13
N VAL C 91 -4.99 3.18 -12.79
CA VAL C 91 -5.02 3.17 -14.25
C VAL C 91 -5.30 4.59 -14.74
N ARG C 92 -4.48 5.09 -15.66
CA ARG C 92 -4.64 6.44 -16.15
C ARG C 92 -4.70 6.59 -17.64
N GLY C 93 -5.33 7.67 -18.06
CA GLY C 93 -5.54 7.96 -19.46
C GLY C 93 -7.03 7.93 -19.72
N ASP C 94 -7.48 8.70 -20.70
CA ASP C 94 -8.85 8.59 -21.16
C ASP C 94 -8.98 7.19 -21.73
N THR C 95 -10.12 6.56 -21.53
CA THR C 95 -10.31 5.19 -21.99
C THR C 95 -11.05 5.10 -23.32
N LYS C 96 -11.21 6.23 -24.01
CA LYS C 96 -12.03 6.23 -25.19
C LYS C 96 -11.43 5.40 -26.35
N SER C 97 -10.11 5.21 -26.33
CA SER C 97 -9.46 4.48 -27.41
C SER C 97 -9.23 3.02 -27.06
N VAL C 98 -9.79 2.60 -25.93
CA VAL C 98 -9.83 1.20 -25.52
C VAL C 98 -10.97 0.50 -26.23
N THR C 99 -10.72 -0.72 -26.69
CA THR C 99 -11.77 -1.50 -27.30
C THR C 99 -12.18 -2.64 -26.39
N ILE C 100 -13.49 -2.80 -26.22
CA ILE C 100 -14.06 -3.93 -25.53
C ILE C 100 -14.89 -4.70 -26.54
N PRO C 101 -14.40 -5.87 -26.96
CA PRO C 101 -15.11 -6.60 -28.02
C PRO C 101 -16.55 -7.00 -27.64
N ALA C 102 -17.43 -7.05 -28.64
CA ALA C 102 -18.85 -7.40 -28.46
C ALA C 102 -19.08 -8.85 -28.05
N GLY C 103 -20.25 -9.09 -27.45
CA GLY C 103 -20.73 -10.43 -27.18
C GLY C 103 -20.24 -11.07 -25.89
N GLN C 104 -19.57 -10.28 -25.07
CA GLN C 104 -18.98 -10.79 -23.83
C GLN C 104 -20.00 -10.72 -22.70
N LYS C 105 -20.12 -11.81 -21.96
CA LYS C 105 -20.88 -11.85 -20.71
C LYS C 105 -20.13 -12.72 -19.71
N GLY C 106 -20.78 -13.04 -18.58
CA GLY C 106 -20.14 -13.87 -17.58
C GLY C 106 -19.28 -13.01 -16.67
N SER C 107 -18.27 -13.62 -16.04
CA SER C 107 -17.52 -12.94 -14.98
C SER C 107 -16.19 -12.34 -15.41
N GLN C 108 -15.91 -12.40 -16.70
CA GLN C 108 -14.66 -11.90 -17.24
C GLN C 108 -14.91 -10.95 -18.39
N ILE C 109 -14.22 -9.83 -18.38
CA ILE C 109 -14.26 -8.92 -19.51
C ILE C 109 -12.86 -8.80 -20.12
N ILE C 110 -12.79 -8.87 -21.45
CA ILE C 110 -11.51 -8.70 -22.13
C ILE C 110 -11.51 -7.34 -22.79
N LEU C 111 -10.39 -6.63 -22.75
CA LEU C 111 -10.26 -5.44 -23.58
C LEU C 111 -8.90 -5.31 -24.22
N ASN C 112 -8.85 -4.44 -25.23
CA ASN C 112 -7.63 -4.09 -25.91
C ASN C 112 -7.33 -2.64 -25.54
N THR C 113 -6.26 -2.43 -24.78
CA THR C 113 -5.89 -1.08 -24.37
C THR C 113 -5.40 -0.23 -25.54
N ASN C 114 -5.04 -0.89 -26.65
CA ASN C 114 -4.51 -0.18 -27.80
C ASN C 114 -3.30 0.69 -27.42
N GLY C 115 -2.63 0.33 -26.33
CA GLY C 115 -1.49 1.07 -25.83
C GLY C 115 -1.79 2.45 -25.24
N THR C 116 -3.06 2.72 -24.93
CA THR C 116 -3.42 4.06 -24.47
C THR C 116 -3.55 4.25 -22.96
N LEU C 117 -3.48 3.17 -22.18
CA LEU C 117 -3.60 3.27 -20.71
C LEU C 117 -2.27 3.06 -20.01
N THR C 118 -2.01 3.83 -18.96
CA THR C 118 -0.82 3.64 -18.15
C THR C 118 -1.20 3.01 -16.82
N GLY C 119 -0.33 2.17 -16.27
CA GLY C 119 -0.63 1.44 -15.07
C GLY C 119 -1.54 0.25 -15.30
N GLN C 120 -1.91 -0.47 -14.24
CA GLN C 120 -2.86 -1.57 -14.39
C GLN C 120 -3.73 -1.69 -13.13
N PRO C 121 -4.93 -2.23 -13.28
CA PRO C 121 -5.78 -2.29 -12.09
C PRO C 121 -5.34 -3.40 -11.16
N LYS C 122 -5.77 -3.33 -9.92
CA LYS C 122 -5.59 -4.45 -9.03
C LYS C 122 -6.90 -4.95 -8.44
N ALA C 123 -6.92 -6.24 -8.09
CA ALA C 123 -8.11 -6.88 -7.57
C ALA C 123 -8.52 -6.10 -6.32
N GLY C 124 -9.81 -5.84 -6.18
CA GLY C 124 -10.30 -5.00 -5.09
C GLY C 124 -10.70 -3.64 -5.59
N ASP C 125 -10.12 -3.25 -6.73
CA ASP C 125 -10.55 -2.01 -7.35
C ASP C 125 -11.98 -2.13 -7.91
N LEU C 126 -12.62 -0.97 -8.07
CA LEU C 126 -13.95 -0.88 -8.66
C LEU C 126 -13.82 -0.83 -10.18
N PHE C 127 -14.89 -1.19 -10.86
CA PHE C 127 -14.90 -1.19 -12.31
C PHE C 127 -16.31 -0.92 -12.81
N LYS C 128 -16.42 -0.13 -13.86
CA LYS C 128 -17.71 0.15 -14.45
C LYS C 128 -17.59 0.17 -15.95
N LEU C 129 -18.69 -0.12 -16.65
CA LEU C 129 -18.77 0.11 -18.08
C LEU C 129 -19.43 1.46 -18.31
N SER C 130 -18.96 2.17 -19.32
CA SER C 130 -19.42 3.52 -19.59
C SER C 130 -20.90 3.58 -19.99
N THR C 131 -21.47 2.45 -20.40
CA THR C 131 -22.82 2.48 -20.96
C THR C 131 -23.92 2.00 -20.02
N HIS C 132 -23.55 1.58 -18.82
CA HIS C 132 -24.51 0.96 -17.91
C HIS C 132 -24.09 1.31 -16.50
N PRO C 133 -25.06 1.49 -15.60
CA PRO C 133 -24.72 1.99 -14.26
C PRO C 133 -24.14 1.00 -13.26
N LYS C 134 -24.25 -0.31 -13.52
CA LYS C 134 -23.76 -1.29 -12.54
C LYS C 134 -22.28 -1.12 -12.18
N VAL C 135 -21.97 -1.16 -10.88
CA VAL C 135 -20.59 -1.14 -10.43
C VAL C 135 -20.15 -2.53 -10.00
N TYR C 136 -18.95 -2.92 -10.42
CA TYR C 136 -18.36 -4.23 -10.12
C TYR C 136 -17.07 -4.10 -9.30
N LYS C 137 -16.72 -5.17 -8.61
CA LYS C 137 -15.38 -5.33 -8.05
C LYS C 137 -14.51 -6.13 -9.02
N ILE C 138 -13.25 -5.75 -9.16
CA ILE C 138 -12.28 -6.61 -9.85
C ILE C 138 -11.77 -7.72 -8.91
N THR C 139 -11.98 -8.96 -9.33
CA THR C 139 -11.60 -10.09 -8.50
C THR C 139 -10.25 -10.64 -8.93
N ASN C 140 -9.83 -10.33 -10.15
CA ASN C 140 -8.58 -10.87 -10.67
C ASN C 140 -8.18 -10.12 -11.91
N PHE C 141 -6.87 -9.99 -12.13
CA PHE C 141 -6.38 -9.29 -13.31
C PHE C 141 -5.20 -10.05 -13.91
N SER C 142 -5.29 -10.39 -15.19
CA SER C 142 -4.14 -10.90 -15.90
C SER C 142 -4.07 -10.22 -17.26
N SER C 143 -2.91 -10.23 -17.87
CA SER C 143 -2.76 -9.55 -19.15
C SER C 143 -1.81 -10.29 -20.06
N SER C 144 -1.88 -9.93 -21.34
CA SER C 144 -0.92 -10.38 -22.33
C SER C 144 -0.74 -9.18 -23.26
N GLY C 145 0.33 -8.42 -23.06
CA GLY C 145 0.50 -7.19 -23.80
C GLY C 145 -0.67 -6.24 -23.57
N ASN C 146 -1.33 -5.82 -24.65
CA ASN C 146 -2.45 -4.89 -24.55
C ASN C 146 -3.80 -5.57 -24.24
N VAL C 147 -3.79 -6.90 -24.16
CA VAL C 147 -4.98 -7.63 -23.83
C VAL C 147 -5.06 -7.66 -22.31
N TRP C 148 -6.15 -7.13 -21.77
CA TRP C 148 -6.40 -7.13 -20.32
C TRP C 148 -7.55 -8.09 -20.02
N ASN C 149 -7.34 -8.97 -19.06
CA ASN C 149 -8.36 -9.95 -18.69
C ASN C 149 -8.83 -9.58 -17.29
N ILE C 150 -9.98 -8.92 -17.20
CA ILE C 150 -10.50 -8.44 -15.93
C ILE C 150 -11.64 -9.34 -15.41
N SER C 151 -11.40 -10.00 -14.30
CA SER C 151 -12.45 -10.82 -13.72
C SER C 151 -13.29 -9.91 -12.82
N LEU C 152 -14.58 -10.20 -12.68
CA LEU C 152 -15.49 -9.26 -12.03
C LEU C 152 -16.43 -9.93 -11.06
N TYR C 153 -16.88 -9.16 -10.07
CA TYR C 153 -17.97 -9.59 -9.23
C TYR C 153 -18.88 -8.40 -9.03
N PRO C 154 -20.17 -8.57 -9.26
CA PRO C 154 -20.79 -9.81 -9.73
C PRO C 154 -20.59 -9.99 -11.23
N ASP C 155 -21.28 -10.98 -11.82
CA ASP C 155 -21.23 -11.22 -13.25
C ASP C 155 -21.79 -10.03 -14.00
N LEU C 156 -21.28 -9.78 -15.21
CA LEU C 156 -21.77 -8.69 -16.06
C LEU C 156 -23.29 -8.66 -16.13
N PHE C 157 -23.85 -7.47 -15.94
CA PHE C 157 -25.29 -7.31 -16.00
C PHE C 157 -25.76 -7.20 -17.45
N ILE C 158 -24.82 -7.05 -18.38
CA ILE C 158 -25.18 -6.91 -19.78
C ILE C 158 -24.24 -7.73 -20.66
N THR C 159 -24.63 -7.89 -21.92
CA THR C 159 -23.74 -8.46 -22.91
C THR C 159 -23.14 -7.28 -23.66
N THR C 160 -21.82 -7.26 -23.78
CA THR C 160 -21.15 -6.13 -24.41
C THR C 160 -21.57 -6.00 -25.87
N THR C 161 -21.56 -4.77 -26.36
CA THR C 161 -22.00 -4.44 -27.71
C THR C 161 -20.82 -4.02 -28.58
N GLY C 162 -19.71 -3.68 -27.94
CA GLY C 162 -18.52 -3.23 -28.66
C GLY C 162 -18.27 -1.74 -28.49
N SER C 163 -19.23 -1.05 -27.90
CA SER C 163 -19.13 0.40 -27.77
C SER C 163 -18.78 0.81 -26.34
N GLU C 164 -18.82 -0.15 -25.43
CA GLU C 164 -18.50 0.11 -24.04
C GLU C 164 -17.04 0.52 -23.85
N LYS C 165 -16.78 1.47 -22.95
CA LYS C 165 -15.41 1.76 -22.53
C LYS C 165 -15.25 1.38 -21.06
N PRO C 166 -14.02 1.05 -20.62
CA PRO C 166 -13.84 0.75 -19.19
C PRO C 166 -13.81 2.06 -18.40
N VAL C 167 -14.20 2.01 -17.13
CA VAL C 167 -14.11 3.17 -16.24
C VAL C 167 -13.42 2.70 -14.98
N PHE C 168 -12.31 3.34 -14.63
CA PHE C 168 -11.55 2.94 -13.47
C PHE C 168 -11.62 3.96 -12.35
N ASN C 169 -11.64 5.24 -12.71
CA ASN C 169 -11.67 6.30 -11.70
C ASN C 169 -12.89 7.21 -11.86
N GLY C 170 -13.26 7.90 -10.80
CA GLY C 170 -14.42 8.76 -10.84
C GLY C 170 -15.74 8.00 -10.97
N ILE C 171 -15.74 6.75 -10.52
CA ILE C 171 -16.93 5.91 -10.59
C ILE C 171 -18.03 6.33 -9.63
N LEU C 172 -19.23 6.56 -10.18
CA LEU C 172 -20.40 6.92 -9.39
C LEU C 172 -21.37 5.73 -9.28
N PHE C 173 -21.73 5.35 -8.06
CA PHE C 173 -22.76 4.35 -7.83
C PHE C 173 -24.11 5.01 -8.00
N ARG C 174 -25.02 4.38 -8.74
CA ARG C 174 -26.38 4.88 -8.91
C ARG C 174 -27.24 4.26 -7.84
N THR C 175 -27.83 5.09 -6.97
CA THR C 175 -28.45 4.58 -5.75
C THR C 175 -29.81 5.25 -5.42
N LYS C 176 -30.51 4.62 -4.49
CA LYS C 176 -31.73 5.16 -3.93
C LYS C 176 -31.61 5.20 -2.41
N LEU C 177 -32.23 6.19 -1.80
CA LEU C 177 -32.19 6.37 -0.37
C LEU C 177 -33.26 5.53 0.31
N MET C 178 -32.88 4.75 1.32
CA MET C 178 -33.81 3.83 1.99
C MET C 178 -34.40 4.38 3.30
N ASN C 179 -33.64 5.25 3.97
CA ASN C 179 -34.04 5.77 5.27
C ASN C 179 -34.44 7.25 5.21
N GLY C 180 -35.09 7.62 4.13
CA GLY C 180 -35.39 9.01 3.82
C GLY C 180 -36.19 9.73 4.89
N ASP C 181 -36.88 8.98 5.73
CA ASP C 181 -37.70 9.56 6.77
C ASP C 181 -37.00 9.61 8.13
N SER C 182 -35.94 8.81 8.27
CA SER C 182 -35.17 8.79 9.51
C SER C 182 -34.03 9.79 9.43
N PHE C 183 -33.94 10.46 8.28
CA PHE C 183 -32.87 11.42 8.05
C PHE C 183 -33.13 12.73 8.80
N GLY C 184 -32.05 13.41 9.14
CA GLY C 184 -32.14 14.70 9.78
C GLY C 184 -31.54 14.65 11.17
N SER C 185 -31.34 15.82 11.75
CA SER C 185 -30.89 15.91 13.13
C SER C 185 -31.26 17.23 13.76
N THR C 186 -31.08 17.30 15.07
CA THR C 186 -31.32 18.53 15.81
C THR C 186 -30.01 19.00 16.45
N LEU C 187 -29.96 20.29 16.75
CA LEU C 187 -28.72 20.97 17.14
C LEU C 187 -28.12 20.49 18.46
N ASN C 188 -26.83 20.13 18.44
CA ASN C 188 -26.13 19.73 19.65
CA ASN C 188 -26.12 19.72 19.65
C ASN C 188 -25.65 20.95 20.44
N ASN C 189 -24.71 20.73 21.36
CA ASN C 189 -24.17 21.80 22.21
C ASN C 189 -23.61 23.00 21.45
N ASN C 190 -22.71 22.76 20.50
CA ASN C 190 -22.03 23.85 19.81
C ASN C 190 -22.60 24.27 18.45
N GLY C 191 -23.87 23.95 18.21
CA GLY C 191 -24.53 24.43 17.01
C GLY C 191 -24.12 23.72 15.74
N THR C 192 -23.91 22.40 15.84
CA THR C 192 -23.73 21.58 14.65
C THR C 192 -24.73 20.42 14.69
N TYR C 193 -24.80 19.66 13.61
CA TYR C 193 -25.75 18.57 13.54
C TYR C 193 -25.03 17.22 13.54
N SER C 194 -25.25 16.43 14.58
CA SER C 194 -24.54 15.17 14.74
C SER C 194 -25.39 13.99 14.31
N GLY C 195 -24.72 12.87 14.02
CA GLY C 195 -25.39 11.59 13.79
C GLY C 195 -26.15 11.44 12.48
N ILE C 196 -25.90 12.33 11.53
CA ILE C 196 -26.56 12.24 10.22
C ILE C 196 -26.01 11.06 9.45
N SER C 197 -26.87 10.15 9.03
CA SER C 197 -26.42 9.03 8.20
C SER C 197 -27.41 8.72 7.07
N LEU C 198 -26.88 8.21 5.96
CA LEU C 198 -27.70 7.85 4.80
C LEU C 198 -27.54 6.37 4.50
N SER C 199 -28.65 5.70 4.28
CA SER C 199 -28.64 4.28 3.95
C SER C 199 -28.98 4.15 2.48
N LEU C 200 -27.95 3.90 1.67
CA LEU C 200 -28.13 3.90 0.22
C LEU C 200 -28.05 2.49 -0.33
N ARG C 201 -28.81 2.26 -1.39
CA ARG C 201 -28.91 0.93 -1.99
C ARG C 201 -28.69 1.17 -3.46
N GLU C 202 -27.67 0.52 -4.01
CA GLU C 202 -27.43 0.62 -5.44
C GLU C 202 -28.69 0.14 -6.13
N SER C 203 -29.11 0.89 -7.15
CA SER C 203 -30.40 0.64 -7.75
C SER C 203 -30.39 0.84 -9.26
N LEU C 204 -31.08 -0.05 -9.95
CA LEU C 204 -31.22 0.02 -11.39
C LEU C 204 -32.69 0.21 -11.74
N GLU C 205 -33.48 0.61 -10.74
CA GLU C 205 -34.89 0.88 -10.90
C GLU C 205 -35.10 2.14 -11.74
N ASN C 206 -36.05 2.10 -12.67
CA ASN C 206 -36.38 3.24 -13.53
C ASN C 206 -35.19 3.79 -14.30
N LEU C 207 -34.32 2.88 -14.74
CA LEU C 207 -33.12 3.24 -15.49
C LEU C 207 -33.47 4.04 -16.74
N TYR C 208 -34.70 3.83 -17.23
CA TYR C 208 -35.21 4.57 -18.37
C TYR C 208 -36.62 5.06 -18.01
N PHE C 209 -36.93 6.33 -18.27
CA PHE C 209 -36.01 7.27 -18.90
C PHE C 209 -36.22 8.73 -18.50
N GLN C 210 -35.35 9.57 -19.06
CA GLN C 210 -35.36 11.02 -18.84
C GLN C 210 -35.15 11.44 -17.39
N GLY C 211 -35.61 10.59 -16.46
CA GLY C 211 -35.56 10.90 -15.05
C GLY C 211 -36.69 11.82 -14.68
N HIS C 212 -37.08 12.65 -15.64
CA HIS C 212 -38.02 13.72 -15.40
C HIS C 212 -39.45 13.31 -15.74
N HIS C 213 -39.63 12.04 -16.11
CA HIS C 213 -40.96 11.47 -16.25
C HIS C 213 -41.33 10.64 -15.02
N HIS C 214 -40.42 10.56 -14.07
CA HIS C 214 -40.62 9.77 -12.85
C HIS C 214 -41.47 10.50 -11.79
N HIS C 215 -42.24 9.74 -11.01
CA HIS C 215 -43.02 10.34 -9.94
C HIS C 215 -42.19 10.46 -8.67
N HIS C 216 -42.57 11.39 -7.80
CA HIS C 216 -41.83 11.63 -6.57
C HIS C 216 -41.75 10.34 -5.76
N HIS C 217 -40.63 10.15 -5.05
CA HIS C 217 -40.50 8.98 -4.17
C HIS C 217 -41.48 9.05 -3.01
N MET D 1 1.26 -34.09 -3.32
CA MET D 1 2.54 -33.78 -2.67
C MET D 1 2.90 -32.31 -2.89
N ARG D 2 3.70 -31.75 -2.00
CA ARG D 2 4.06 -30.34 -2.08
C ARG D 2 5.12 -30.03 -3.14
N LEU D 3 4.79 -29.09 -4.04
CA LEU D 3 5.79 -28.55 -4.96
C LEU D 3 6.92 -27.90 -4.16
N PRO D 4 8.16 -28.37 -4.35
CA PRO D 4 9.30 -27.86 -3.57
C PRO D 4 9.61 -26.40 -3.88
N ASP D 5 10.07 -25.67 -2.86
CA ASP D 5 10.36 -24.24 -3.00
C ASP D 5 11.41 -23.76 -1.96
N PRO D 6 11.77 -22.46 -1.96
CA PRO D 6 12.74 -22.03 -0.96
C PRO D 6 12.27 -22.21 0.49
N TYR D 7 10.96 -22.34 0.70
CA TYR D 7 10.43 -22.55 2.04
C TYR D 7 10.63 -23.99 2.49
N THR D 8 10.23 -24.94 1.65
CA THR D 8 10.40 -26.35 1.99
C THR D 8 11.86 -26.76 1.85
N ASN D 9 12.56 -26.12 0.92
CA ASN D 9 13.97 -26.42 0.65
C ASN D 9 14.79 -25.17 0.40
N PRO D 10 15.21 -24.51 1.48
CA PRO D 10 16.01 -23.29 1.38
C PRO D 10 17.36 -23.53 0.71
N GLU D 11 17.84 -24.76 0.71
CA GLU D 11 19.10 -25.07 0.05
C GLU D 11 19.01 -24.90 -1.48
N TYR D 12 17.80 -24.65 -1.98
CA TYR D 12 17.57 -24.51 -3.41
C TYR D 12 16.87 -23.19 -3.76
N PRO D 13 17.60 -22.06 -3.68
CA PRO D 13 17.01 -20.73 -3.89
C PRO D 13 16.40 -20.53 -5.30
N GLY D 14 16.89 -21.27 -6.28
CA GLY D 14 16.34 -21.21 -7.62
C GLY D 14 14.88 -21.67 -7.74
N LEU D 15 14.39 -22.42 -6.76
CA LEU D 15 13.00 -22.87 -6.77
C LEU D 15 12.01 -21.76 -6.41
N GLY D 16 12.49 -20.52 -6.27
CA GLY D 16 11.61 -19.39 -6.10
C GLY D 16 11.17 -18.93 -7.48
N PHE D 17 9.86 -18.87 -7.70
CA PHE D 17 9.30 -18.56 -9.02
C PHE D 17 9.72 -17.19 -9.50
N GLU D 18 10.28 -17.13 -10.71
CA GLU D 18 10.69 -15.88 -11.34
C GLU D 18 9.46 -15.03 -11.65
N SER D 19 8.39 -15.69 -12.02
CA SER D 19 7.13 -15.03 -12.32
C SER D 19 5.97 -16.00 -12.18
N VAL D 20 4.83 -15.46 -11.76
CA VAL D 20 3.63 -16.25 -11.50
C VAL D 20 2.41 -15.57 -12.10
N ASN D 21 1.77 -16.25 -13.05
CA ASN D 21 0.49 -15.77 -13.57
C ASN D 21 -0.64 -16.53 -12.89
N LEU D 22 -1.59 -15.79 -12.31
CA LEU D 22 -2.79 -16.40 -11.73
C LEU D 22 -3.96 -16.21 -12.67
N VAL D 23 -4.42 -17.29 -13.26
CA VAL D 23 -5.36 -17.19 -14.36
C VAL D 23 -6.72 -17.71 -13.96
N ASP D 24 -7.75 -16.93 -14.25
CA ASP D 24 -9.12 -17.30 -13.93
C ASP D 24 -9.76 -18.08 -15.10
N ASN D 25 -10.05 -19.36 -14.87
CA ASN D 25 -10.80 -20.16 -15.87
C ASN D 25 -12.27 -20.38 -15.51
N ASP D 26 -13.17 -19.98 -16.41
CA ASP D 26 -14.58 -20.38 -16.32
C ASP D 26 -15.25 -20.38 -17.68
N ILE D 43 -20.55 -25.59 -19.98
CA ILE D 43 -20.74 -24.83 -18.75
C ILE D 43 -20.31 -25.65 -17.53
N SER D 44 -19.39 -25.11 -16.74
CA SER D 44 -18.78 -25.88 -15.65
C SER D 44 -18.26 -25.03 -14.50
N ALA D 45 -17.38 -25.61 -13.69
CA ALA D 45 -16.89 -24.97 -12.47
C ALA D 45 -15.61 -24.16 -12.72
N GLN D 46 -15.50 -23.03 -12.04
CA GLN D 46 -14.31 -22.20 -12.07
C GLN D 46 -13.07 -22.91 -11.55
N TYR D 47 -11.92 -22.62 -12.14
CA TYR D 47 -10.68 -23.09 -11.57
C TYR D 47 -9.54 -22.14 -11.89
N TRP D 48 -8.61 -22.04 -10.96
CA TRP D 48 -7.44 -21.19 -11.15
C TRP D 48 -6.39 -21.89 -12.02
N GLY D 49 -5.72 -21.11 -12.85
CA GLY D 49 -4.56 -21.59 -13.56
C GLY D 49 -3.32 -20.90 -13.01
N ILE D 50 -2.24 -21.67 -12.89
CA ILE D 50 -0.99 -21.13 -12.37
C ILE D 50 0.15 -21.45 -13.32
N ASN D 51 0.74 -20.39 -13.87
CA ASN D 51 1.87 -20.55 -14.76
C ASN D 51 3.11 -20.06 -14.07
N ILE D 52 4.04 -20.97 -13.80
CA ILE D 52 5.24 -20.64 -13.06
C ILE D 52 6.45 -20.61 -13.97
N SER D 53 7.17 -19.50 -13.97
CA SER D 53 8.45 -19.44 -14.68
C SER D 53 9.57 -19.51 -13.66
N TYR D 54 10.52 -20.42 -13.90
CA TYR D 54 11.69 -20.49 -13.06
C TYR D 54 12.81 -19.64 -13.64
N PRO D 55 13.64 -19.05 -12.77
CA PRO D 55 14.85 -18.40 -13.28
C PRO D 55 15.79 -19.49 -13.74
N GLU D 56 17.05 -19.16 -13.95
CA GLU D 56 18.01 -20.20 -14.27
C GLU D 56 18.23 -21.12 -13.06
N LEU D 57 18.00 -22.41 -13.28
CA LEU D 57 18.14 -23.40 -12.22
C LEU D 57 19.52 -24.05 -12.24
N PHE D 58 20.08 -24.27 -11.06
CA PHE D 58 21.38 -24.91 -10.99
C PHE D 58 21.19 -26.42 -11.07
N PRO D 59 22.22 -27.15 -11.54
CA PRO D 59 22.12 -28.59 -11.77
C PRO D 59 21.39 -29.35 -10.67
N ASP D 60 21.78 -29.12 -9.42
CA ASP D 60 21.21 -29.88 -8.31
C ASP D 60 19.75 -29.52 -8.01
N GLU D 61 19.41 -28.23 -8.05
CA GLU D 61 18.04 -27.84 -7.77
C GLU D 61 17.13 -28.32 -8.88
N TYR D 62 17.66 -28.35 -10.11
CA TYR D 62 16.92 -28.86 -11.25
C TYR D 62 16.74 -30.38 -11.15
N ALA D 63 17.80 -31.07 -10.73
CA ALA D 63 17.72 -32.50 -10.46
C ALA D 63 16.69 -32.79 -9.39
N PHE D 64 16.74 -32.05 -8.28
CA PHE D 64 15.80 -32.26 -7.20
C PHE D 64 14.37 -32.05 -7.69
N LEU D 65 14.17 -30.99 -8.47
CA LEU D 65 12.84 -30.70 -9.01
C LEU D 65 12.38 -31.80 -9.95
N ASP D 66 13.28 -32.25 -10.81
CA ASP D 66 12.98 -33.28 -11.79
C ASP D 66 12.45 -34.53 -11.09
N SER D 67 13.16 -34.95 -10.04
CA SER D 67 12.79 -36.16 -9.31
C SER D 67 11.43 -36.03 -8.63
N ARG D 68 11.08 -34.84 -8.14
CA ARG D 68 9.78 -34.62 -7.52
C ARG D 68 8.63 -34.79 -8.52
N LEU D 69 8.79 -34.19 -9.70
CA LEU D 69 7.79 -34.27 -10.75
C LEU D 69 7.67 -35.69 -11.28
N LEU D 70 8.75 -36.45 -11.13
CA LEU D 70 8.74 -37.84 -11.53
C LEU D 70 7.92 -38.59 -10.52
N GLU D 71 8.17 -38.34 -9.24
CA GLU D 71 7.40 -38.97 -8.18
C GLU D 71 5.94 -38.60 -8.32
N TYR D 72 5.67 -37.33 -8.58
CA TYR D 72 4.30 -36.88 -8.81
C TYR D 72 3.68 -37.65 -9.98
N LYS D 73 4.43 -37.78 -11.07
CA LYS D 73 3.93 -38.42 -12.28
C LYS D 73 3.68 -39.91 -12.07
N ARG D 74 4.45 -40.52 -11.17
CA ARG D 74 4.35 -41.96 -10.95
C ARG D 74 3.37 -42.39 -9.85
N THR D 75 3.04 -41.48 -8.94
CA THR D 75 2.15 -41.83 -7.83
C THR D 75 0.70 -41.45 -8.10
N GLY D 76 0.46 -40.71 -9.18
CA GLY D 76 -0.88 -40.23 -9.51
C GLY D 76 -1.38 -39.16 -8.55
N ASP D 77 -0.45 -38.31 -8.11
CA ASP D 77 -0.67 -37.37 -7.04
C ASP D 77 -1.32 -36.06 -7.50
N TYR D 78 -1.72 -35.22 -6.55
CA TYR D 78 -1.98 -33.81 -6.82
C TYR D 78 -0.70 -33.07 -6.46
N LEU D 79 -0.52 -31.87 -6.99
CA LEU D 79 0.61 -31.03 -6.62
C LEU D 79 0.13 -29.83 -5.81
N ASP D 80 0.52 -29.74 -4.54
CA ASP D 80 0.18 -28.58 -3.70
C ASP D 80 1.16 -27.44 -3.94
N VAL D 81 0.63 -26.25 -4.19
CA VAL D 81 1.45 -25.10 -4.55
C VAL D 81 1.19 -23.88 -3.67
N LEU D 82 2.26 -23.35 -3.08
CA LEU D 82 2.26 -22.11 -2.31
C LEU D 82 2.65 -20.96 -3.23
N LEU D 83 1.87 -19.88 -3.23
CA LEU D 83 2.21 -18.68 -3.99
C LEU D 83 2.60 -17.53 -3.03
N PRO D 84 3.89 -17.41 -2.73
CA PRO D 84 4.44 -16.50 -1.71
C PRO D 84 3.93 -15.07 -1.79
N GLN D 85 3.52 -14.60 -2.97
CA GLN D 85 3.04 -13.23 -3.08
C GLN D 85 1.69 -13.04 -2.38
N TYR D 86 0.99 -14.14 -2.12
CA TYR D 86 -0.25 -14.08 -1.34
C TYR D 86 -0.07 -14.45 0.13
N GLU D 87 1.16 -14.39 0.64
CA GLU D 87 1.40 -14.57 2.07
C GLU D 87 1.34 -13.23 2.78
N ALA D 88 0.14 -12.63 2.81
CA ALA D 88 -0.05 -11.26 3.30
C ALA D 88 0.12 -11.12 4.81
N PHE D 89 -0.24 -12.17 5.53
CA PHE D 89 -0.31 -12.13 7.00
C PHE D 89 -1.07 -10.90 7.49
N ARG D 90 -2.15 -10.55 6.80
CA ARG D 90 -3.01 -9.44 7.21
C ARG D 90 -3.98 -9.89 8.27
N VAL D 91 -4.20 -11.20 8.33
CA VAL D 91 -5.02 -11.75 9.39
C VAL D 91 -4.18 -12.71 10.20
N ARG D 92 -4.14 -12.50 11.51
CA ARG D 92 -3.31 -13.35 12.35
C ARG D 92 -4.06 -14.02 13.48
N GLY D 93 -3.52 -15.15 13.91
CA GLY D 93 -4.13 -15.99 14.92
C GLY D 93 -4.41 -17.38 14.38
N ASP D 94 -4.33 -18.38 15.27
CA ASP D 94 -4.87 -19.70 14.98
C ASP D 94 -6.36 -19.50 14.82
N THR D 95 -6.97 -20.18 13.84
CA THR D 95 -8.38 -19.96 13.56
C THR D 95 -9.26 -21.07 14.13
N LYS D 96 -8.72 -21.95 14.94
CA LYS D 96 -9.50 -23.08 15.46
C LYS D 96 -10.69 -22.65 16.32
N SER D 97 -10.67 -21.40 16.81
CA SER D 97 -11.74 -20.89 17.66
C SER D 97 -12.73 -20.03 16.88
N VAL D 98 -12.48 -19.86 15.58
CA VAL D 98 -13.43 -19.13 14.73
C VAL D 98 -14.63 -20.01 14.45
N THR D 99 -15.81 -19.40 14.42
CA THR D 99 -17.03 -20.13 14.15
C THR D 99 -17.53 -19.75 12.77
N ILE D 100 -17.78 -20.77 11.96
CA ILE D 100 -18.46 -20.58 10.70
C ILE D 100 -19.78 -21.33 10.76
N PRO D 101 -20.90 -20.59 10.85
CA PRO D 101 -22.22 -21.22 10.96
C PRO D 101 -22.56 -22.07 9.75
N ALA D 102 -23.32 -23.13 10.00
CA ALA D 102 -23.67 -24.13 8.98
C ALA D 102 -24.75 -23.65 8.01
N GLY D 103 -24.81 -24.31 6.85
CA GLY D 103 -25.90 -24.12 5.91
C GLY D 103 -25.67 -23.00 4.90
N GLN D 104 -24.44 -22.46 4.92
CA GLN D 104 -24.09 -21.33 4.08
C GLN D 104 -23.65 -21.78 2.71
N LYS D 105 -24.20 -21.13 1.69
CA LYS D 105 -23.81 -21.35 0.31
C LYS D 105 -23.82 -20.01 -0.43
N GLY D 106 -23.37 -20.01 -1.68
CA GLY D 106 -23.36 -18.80 -2.47
C GLY D 106 -22.04 -18.04 -2.41
N SER D 107 -22.10 -16.72 -2.56
CA SER D 107 -20.92 -15.91 -2.78
C SER D 107 -20.39 -15.26 -1.51
N GLN D 108 -21.06 -15.51 -0.39
CA GLN D 108 -20.64 -14.87 0.85
CA GLN D 108 -20.69 -14.86 0.88
C GLN D 108 -20.52 -15.88 2.00
N ILE D 109 -19.49 -15.71 2.79
CA ILE D 109 -19.33 -16.53 3.96
C ILE D 109 -19.30 -15.63 5.20
N ILE D 110 -20.13 -15.94 6.17
CA ILE D 110 -20.14 -15.16 7.40
C ILE D 110 -19.39 -15.97 8.41
N LEU D 111 -18.61 -15.31 9.25
CA LEU D 111 -18.01 -16.01 10.38
C LEU D 111 -18.04 -15.17 11.64
N ASN D 112 -17.92 -15.85 12.77
CA ASN D 112 -17.73 -15.19 14.05
C ASN D 112 -16.27 -15.39 14.48
N THR D 113 -15.54 -14.30 14.65
CA THR D 113 -14.14 -14.41 15.02
C THR D 113 -13.99 -14.80 16.47
N ASN D 114 -15.06 -14.62 17.26
CA ASN D 114 -14.96 -14.78 18.70
C ASN D 114 -13.79 -13.99 19.30
N GLY D 115 -13.37 -12.92 18.64
CA GLY D 115 -12.28 -12.09 19.12
C GLY D 115 -10.91 -12.73 19.14
N THR D 116 -10.72 -13.83 18.40
CA THR D 116 -9.43 -14.52 18.40
C THR D 116 -8.50 -14.14 17.26
N LEU D 117 -8.96 -13.27 16.37
CA LEU D 117 -8.16 -12.90 15.20
C LEU D 117 -7.78 -11.44 15.18
N THR D 118 -6.50 -11.18 14.91
CA THR D 118 -6.00 -9.82 14.77
CA THR D 118 -5.99 -9.83 14.78
C THR D 118 -5.83 -9.47 13.29
N GLY D 119 -6.13 -8.23 12.94
CA GLY D 119 -6.08 -7.79 11.56
C GLY D 119 -7.40 -8.11 10.88
N GLN D 120 -7.55 -7.66 9.64
CA GLN D 120 -8.71 -8.07 8.86
C GLN D 120 -8.31 -8.29 7.39
N PRO D 121 -9.08 -9.13 6.68
CA PRO D 121 -8.66 -9.39 5.30
C PRO D 121 -8.96 -8.21 4.38
N LYS D 122 -8.31 -8.25 3.21
CA LYS D 122 -8.46 -7.24 2.20
C LYS D 122 -8.95 -7.91 0.91
N ALA D 123 -9.82 -7.23 0.17
CA ALA D 123 -10.28 -7.76 -1.10
C ALA D 123 -9.04 -7.97 -1.95
N GLY D 124 -8.96 -9.11 -2.62
CA GLY D 124 -7.78 -9.46 -3.38
C GLY D 124 -7.03 -10.61 -2.71
N ASP D 125 -7.15 -10.72 -1.39
CA ASP D 125 -6.50 -11.80 -0.67
C ASP D 125 -7.11 -13.15 -1.05
N LEU D 126 -6.35 -14.22 -0.83
CA LEU D 126 -6.83 -15.59 -1.00
C LEU D 126 -7.60 -16.01 0.25
N PHE D 127 -8.47 -16.99 0.07
CA PHE D 127 -9.25 -17.52 1.16
C PHE D 127 -9.50 -18.99 0.90
N LYS D 128 -9.55 -19.80 1.96
CA LYS D 128 -9.83 -21.20 1.80
C LYS D 128 -10.52 -21.69 3.06
N LEU D 129 -11.36 -22.71 2.92
CA LEU D 129 -11.91 -23.39 4.08
C LEU D 129 -11.04 -24.59 4.45
N SER D 130 -10.90 -24.84 5.74
CA SER D 130 -10.00 -25.88 6.23
C SER D 130 -10.37 -27.30 5.77
N THR D 131 -11.59 -27.49 5.27
CA THR D 131 -12.08 -28.84 4.98
C THR D 131 -12.19 -29.19 3.51
N HIS D 132 -11.88 -28.24 2.64
CA HIS D 132 -12.10 -28.44 1.21
C HIS D 132 -10.97 -27.76 0.46
N PRO D 133 -10.54 -28.37 -0.66
CA PRO D 133 -9.32 -27.84 -1.28
C PRO D 133 -9.50 -26.55 -2.10
N LYS D 134 -10.73 -26.15 -2.41
CA LYS D 134 -10.92 -25.01 -3.32
C LYS D 134 -10.33 -23.69 -2.78
N VAL D 135 -9.67 -22.95 -3.64
CA VAL D 135 -9.14 -21.64 -3.26
C VAL D 135 -9.97 -20.54 -3.90
N TYR D 136 -10.33 -19.55 -3.09
CA TYR D 136 -11.16 -18.44 -3.52
C TYR D 136 -10.39 -17.14 -3.40
N LYS D 137 -10.81 -16.13 -4.14
CA LYS D 137 -10.34 -14.79 -3.83
C LYS D 137 -11.40 -14.02 -3.04
N ILE D 138 -10.95 -13.15 -2.16
CA ILE D 138 -11.90 -12.28 -1.44
C ILE D 138 -12.26 -11.08 -2.33
N THR D 139 -13.56 -10.86 -2.55
CA THR D 139 -13.99 -9.78 -3.43
C THR D 139 -14.50 -8.56 -2.65
N ASN D 140 -14.89 -8.78 -1.40
CA ASN D 140 -15.38 -7.69 -0.58
C ASN D 140 -15.31 -8.12 0.88
N PHE D 141 -15.05 -7.16 1.77
CA PHE D 141 -15.08 -7.43 3.19
C PHE D 141 -15.87 -6.36 3.94
N SER D 142 -16.78 -6.78 4.81
CA SER D 142 -17.45 -5.85 5.70
C SER D 142 -17.63 -6.56 7.02
N SER D 143 -17.86 -5.80 8.09
CA SER D 143 -17.95 -6.43 9.38
C SER D 143 -18.81 -5.65 10.34
N SER D 144 -19.32 -6.35 11.34
CA SER D 144 -20.03 -5.73 12.45
C SER D 144 -19.48 -6.44 13.67
N GLY D 145 -18.56 -5.79 14.37
CA GLY D 145 -17.92 -6.42 15.51
C GLY D 145 -17.19 -7.67 15.05
N ASN D 146 -17.40 -8.76 15.77
CA ASN D 146 -16.74 -10.01 15.45
C ASN D 146 -17.35 -10.76 14.25
N VAL D 147 -18.43 -10.23 13.68
CA VAL D 147 -19.06 -10.84 12.55
C VAL D 147 -18.34 -10.33 11.32
N TRP D 148 -17.67 -11.23 10.60
CA TRP D 148 -17.01 -10.86 9.36
C TRP D 148 -17.85 -11.32 8.16
N ASN D 149 -18.03 -10.44 7.18
CA ASN D 149 -18.82 -10.76 6.00
C ASN D 149 -17.86 -10.87 4.82
N ILE D 150 -17.46 -12.09 4.46
CA ILE D 150 -16.46 -12.24 3.40
C ILE D 150 -17.08 -12.70 2.07
N SER D 151 -17.06 -11.82 1.06
CA SER D 151 -17.58 -12.17 -0.25
C SER D 151 -16.48 -12.90 -1.05
N LEU D 152 -16.85 -13.96 -1.76
CA LEU D 152 -15.89 -14.80 -2.44
C LEU D 152 -16.09 -14.92 -3.93
N TYR D 153 -15.02 -15.23 -4.65
CA TYR D 153 -15.11 -15.57 -6.04
C TYR D 153 -14.18 -16.75 -6.22
N PRO D 154 -14.68 -17.86 -6.81
CA PRO D 154 -16.07 -18.05 -7.26
C PRO D 154 -16.98 -18.30 -6.06
N ASP D 155 -18.24 -18.66 -6.31
CA ASP D 155 -19.17 -19.03 -5.25
C ASP D 155 -18.66 -20.26 -4.51
N LEU D 156 -19.09 -20.46 -3.27
CA LEU D 156 -18.65 -21.61 -2.47
C LEU D 156 -18.94 -22.94 -3.16
N PHE D 157 -17.92 -23.79 -3.20
CA PHE D 157 -18.05 -25.12 -3.79
C PHE D 157 -18.81 -26.08 -2.89
N ILE D 158 -19.03 -25.70 -1.63
CA ILE D 158 -19.78 -26.57 -0.74
C ILE D 158 -20.82 -25.79 0.07
N THR D 159 -21.64 -26.51 0.82
CA THR D 159 -22.49 -25.87 1.82
C THR D 159 -21.81 -26.13 3.15
N THR D 160 -21.66 -25.09 3.96
CA THR D 160 -20.94 -25.24 5.23
C THR D 160 -21.66 -26.15 6.21
N THR D 161 -20.85 -26.84 7.00
CA THR D 161 -21.34 -27.85 7.91
C THR D 161 -21.32 -27.32 9.34
N GLY D 162 -20.57 -26.24 9.54
CA GLY D 162 -20.44 -25.67 10.86
C GLY D 162 -19.13 -26.03 11.52
N SER D 163 -18.33 -26.86 10.86
CA SER D 163 -17.07 -27.31 11.43
C SER D 163 -15.87 -26.69 10.74
N GLU D 164 -16.13 -26.00 9.63
CA GLU D 164 -15.06 -25.39 8.85
C GLU D 164 -14.37 -24.28 9.63
N LYS D 165 -13.09 -24.07 9.35
CA LYS D 165 -12.35 -22.93 9.88
C LYS D 165 -11.74 -22.15 8.71
N PRO D 166 -11.67 -20.82 8.82
CA PRO D 166 -11.12 -20.06 7.69
C PRO D 166 -9.63 -20.29 7.62
N VAL D 167 -9.04 -20.01 6.48
CA VAL D 167 -7.59 -20.07 6.29
C VAL D 167 -7.21 -18.85 5.47
N PHE D 168 -6.35 -18.01 6.02
CA PHE D 168 -5.92 -16.82 5.29
C PHE D 168 -4.46 -16.91 4.84
N ASN D 169 -3.65 -17.63 5.59
CA ASN D 169 -2.22 -17.71 5.21
C ASN D 169 -1.73 -19.13 5.06
N GLY D 170 -0.65 -19.30 4.28
CA GLY D 170 -0.08 -20.60 4.02
C GLY D 170 -0.97 -21.45 3.12
N ILE D 171 -1.77 -20.80 2.29
CA ILE D 171 -2.76 -21.49 1.50
C ILE D 171 -2.10 -22.21 0.36
N LEU D 172 -2.34 -23.52 0.27
CA LEU D 172 -1.88 -24.31 -0.87
C LEU D 172 -2.99 -24.56 -1.89
N PHE D 173 -2.67 -24.39 -3.17
CA PHE D 173 -3.54 -24.77 -4.28
C PHE D 173 -3.33 -26.24 -4.59
N ARG D 174 -4.42 -26.97 -4.76
CA ARG D 174 -4.34 -28.37 -5.18
C ARG D 174 -4.43 -28.44 -6.72
N THR D 175 -3.32 -28.82 -7.35
CA THR D 175 -3.22 -28.70 -8.81
C THR D 175 -2.75 -29.99 -9.51
N LYS D 176 -2.86 -29.98 -10.83
CA LYS D 176 -2.28 -31.00 -11.69
C LYS D 176 -1.37 -30.31 -12.71
N LEU D 177 -0.28 -31.00 -13.06
CA LEU D 177 0.64 -30.49 -14.08
C LEU D 177 0.08 -30.78 -15.48
N MET D 178 0.07 -29.76 -16.33
CA MET D 178 -0.51 -29.87 -17.67
C MET D 178 0.55 -30.10 -18.75
N ASN D 179 1.75 -29.57 -18.52
CA ASN D 179 2.81 -29.63 -19.52
C ASN D 179 3.96 -30.56 -19.12
N GLY D 180 3.61 -31.72 -18.58
CA GLY D 180 4.58 -32.63 -18.00
C GLY D 180 5.55 -33.28 -18.97
N ASP D 181 5.15 -33.34 -20.24
CA ASP D 181 5.98 -33.93 -21.28
C ASP D 181 7.00 -32.90 -21.78
N SER D 182 6.57 -31.65 -21.91
CA SER D 182 7.40 -30.58 -22.46
C SER D 182 8.35 -29.98 -21.45
N PHE D 183 8.36 -30.54 -20.24
CA PHE D 183 9.20 -30.01 -19.16
C PHE D 183 10.66 -30.49 -19.26
N GLY D 184 11.55 -29.75 -18.63
CA GLY D 184 12.97 -30.08 -18.63
C GLY D 184 13.67 -29.24 -19.67
N SER D 185 14.96 -28.97 -19.45
CA SER D 185 15.71 -28.18 -20.41
C SER D 185 17.20 -28.50 -20.42
N THR D 186 17.92 -27.80 -21.29
CA THR D 186 19.35 -28.04 -21.52
C THR D 186 20.23 -27.11 -20.70
N LEU D 187 21.53 -27.39 -20.70
CA LEU D 187 22.50 -26.57 -19.99
C LEU D 187 22.89 -25.34 -20.78
N ASN D 188 23.79 -24.54 -20.22
CA ASN D 188 24.17 -23.27 -20.84
C ASN D 188 25.66 -22.98 -20.67
N ASN D 189 26.07 -21.80 -21.13
CA ASN D 189 27.44 -21.31 -20.92
C ASN D 189 27.90 -21.52 -19.49
N ASN D 190 27.15 -20.95 -18.54
CA ASN D 190 27.53 -20.99 -17.14
C ASN D 190 26.93 -22.16 -16.37
N GLY D 191 26.49 -23.19 -17.09
CA GLY D 191 26.09 -24.43 -16.46
C GLY D 191 24.83 -24.37 -15.61
N THR D 192 23.79 -23.75 -16.16
CA THR D 192 22.49 -23.72 -15.51
C THR D 192 21.41 -24.07 -16.53
N TYR D 193 20.17 -24.20 -16.07
CA TYR D 193 19.06 -24.53 -16.96
C TYR D 193 18.05 -23.39 -17.06
N SER D 194 17.79 -22.93 -18.28
CA SER D 194 16.89 -21.80 -18.49
C SER D 194 15.54 -22.25 -19.01
N GLY D 195 14.58 -21.31 -19.01
CA GLY D 195 13.31 -21.49 -19.69
C GLY D 195 12.38 -22.53 -19.10
N ILE D 196 12.71 -23.06 -17.94
CA ILE D 196 11.85 -24.04 -17.31
C ILE D 196 10.59 -23.36 -16.78
N SER D 197 9.44 -23.87 -17.18
CA SER D 197 8.19 -23.36 -16.65
C SER D 197 7.25 -24.52 -16.43
N LEU D 198 6.34 -24.36 -15.47
CA LEU D 198 5.35 -25.36 -15.16
C LEU D 198 3.98 -24.76 -15.39
N SER D 199 3.08 -25.52 -16.02
CA SER D 199 1.73 -25.05 -16.23
C SER D 199 0.78 -25.93 -15.44
N LEU D 200 0.14 -25.31 -14.44
CA LEU D 200 -0.69 -26.01 -13.48
C LEU D 200 -2.13 -25.53 -13.57
N ARG D 201 -3.06 -26.45 -13.38
CA ARG D 201 -4.45 -26.10 -13.27
C ARG D 201 -4.95 -26.60 -11.93
N GLU D 202 -5.68 -25.76 -11.22
CA GLU D 202 -6.30 -26.17 -9.98
C GLU D 202 -7.18 -27.36 -10.30
N SER D 203 -7.11 -28.40 -9.47
CA SER D 203 -7.81 -29.63 -9.78
C SER D 203 -8.63 -30.22 -8.65
N LEU D 204 -9.95 -30.13 -8.79
CA LEU D 204 -10.88 -30.82 -7.92
C LEU D 204 -11.58 -31.89 -8.72
N GLU D 205 -11.83 -33.04 -8.10
CA GLU D 205 -12.26 -34.26 -8.79
C GLU D 205 -11.17 -34.83 -9.70
#